data_6GTW
#
_entry.id   6GTW
#
_cell.length_a   175.180
_cell.length_b   175.180
_cell.length_c   124.660
_cell.angle_alpha   90.00
_cell.angle_beta   90.00
_cell.angle_gamma   120.00
#
_symmetry.space_group_name_H-M   'H 3'
#
loop_
_entity.id
_entity.type
_entity.pdbx_description
1 polymer 'FimH protein'
2 branched alpha-D-mannopyranose-(1-3)-[alpha-D-mannopyranose-(1-6)]alpha-D-mannopyranose
3 non-polymer 'CALCIUM ION'
4 water water
#
_entity_poly.entity_id   1
_entity_poly.type   'polypeptide(L)'
_entity_poly.pdbx_seq_one_letter_code
;FACKTANGTAIPIGGGSANVYVNLAPAVNVGQNLVVDLSTQIFCHNDYPETITDYVTLQRGSAYGGVLSSFSGTVKYNGS
SYPFPTTSETPRVVYNSRTDKPWPVALYLTPVSSAGGVAIKAGSLIAVLILRQTNNYNSDDFQFVWNIYANNDVVVPTG
;
_entity_poly.pdbx_strand_id   A,B,C,D
#
loop_
_chem_comp.id
_chem_comp.type
_chem_comp.name
_chem_comp.formula
CA non-polymer 'CALCIUM ION' 'Ca 2'
MAN D-saccharide, alpha linking alpha-D-mannopyranose 'C6 H12 O6'
#
# COMPACT_ATOMS: atom_id res chain seq x y z
N PHE A 1 15.97 -0.95 -8.65
CA PHE A 1 16.55 0.41 -8.52
C PHE A 1 15.95 1.08 -7.29
N ALA A 2 16.80 1.73 -6.51
CA ALA A 2 16.34 2.36 -5.28
C ALA A 2 17.37 3.41 -4.87
N CYS A 3 16.92 4.33 -4.02
CA CYS A 3 17.73 5.46 -3.62
C CYS A 3 17.64 5.66 -2.11
N LYS A 4 18.58 6.44 -1.60
CA LYS A 4 18.60 6.74 -0.16
C LYS A 4 19.31 8.08 0.02
N THR A 5 19.11 8.67 1.20
CA THR A 5 19.80 9.90 1.58
C THR A 5 20.94 9.56 2.54
N ALA A 6 21.86 10.52 2.70
CA ALA A 6 23.02 10.28 3.54
C ALA A 6 22.64 10.14 5.01
N ASN A 7 21.57 10.79 5.45
CA ASN A 7 21.08 10.63 6.81
C ASN A 7 20.02 9.52 6.88
N GLY A 8 20.28 8.37 6.27
CA GLY A 8 19.35 7.27 6.44
C GLY A 8 18.28 7.02 5.38
N THR A 9 17.23 7.83 5.41
CA THR A 9 15.96 7.47 4.80
C THR A 9 16.10 7.07 3.32
N ALA A 10 15.23 6.13 2.92
CA ALA A 10 15.29 5.48 1.62
C ALA A 10 13.97 5.62 0.86
N ILE A 11 14.07 5.51 -0.47
CA ILE A 11 12.91 5.34 -1.32
C ILE A 11 13.04 3.99 -2.03
N PRO A 12 12.06 3.12 -1.93
CA PRO A 12 12.20 1.74 -2.40
C PRO A 12 12.02 1.58 -3.91
N ILE A 13 12.17 0.33 -4.35
CA ILE A 13 11.81 -0.05 -5.71
C ILE A 13 10.43 0.50 -6.01
N GLY A 14 10.28 1.13 -7.18
CA GLY A 14 9.01 1.68 -7.58
C GLY A 14 8.81 3.16 -7.32
N GLY A 15 9.71 3.78 -6.59
CA GLY A 15 9.62 5.21 -6.34
C GLY A 15 8.89 5.53 -5.06
N GLY A 16 8.54 6.80 -4.93
CA GLY A 16 8.00 7.32 -3.70
C GLY A 16 8.59 8.69 -3.42
N SER A 17 8.75 9.04 -2.15
CA SER A 17 9.25 10.37 -1.81
C SER A 17 9.99 10.30 -0.49
N ALA A 18 10.80 11.32 -0.26
CA ALA A 18 11.62 11.41 0.93
C ALA A 18 12.03 12.85 1.13
N ASN A 19 12.34 13.18 2.38
CA ASN A 19 12.79 14.53 2.73
C ASN A 19 14.31 14.54 2.81
N VAL A 20 14.90 15.63 2.33
CA VAL A 20 16.34 15.86 2.39
C VAL A 20 16.57 17.17 3.11
N TYR A 21 17.40 17.14 4.15
CA TYR A 21 17.72 18.32 4.94
C TYR A 21 19.13 18.76 4.61
N VAL A 22 19.27 19.99 4.12
CA VAL A 22 20.53 20.46 3.58
C VAL A 22 21.05 21.64 4.38
N ASN A 23 22.35 21.62 4.66
CA ASN A 23 23.05 22.75 5.25
C ASN A 23 23.34 23.79 4.19
N LEU A 24 23.02 25.04 4.50
CA LEU A 24 23.21 26.15 3.58
C LEU A 24 24.14 27.16 4.21
N ALA A 25 24.89 27.86 3.37
CA ALA A 25 25.69 28.98 3.85
C ALA A 25 24.81 29.93 4.65
N PRO A 26 25.21 30.33 5.86
CA PRO A 26 24.32 31.16 6.68
C PRO A 26 24.08 32.55 6.10
N ALA A 27 24.97 33.06 5.26
CA ALA A 27 24.78 34.37 4.64
C ALA A 27 25.30 34.35 3.21
N VAL A 28 24.58 35.05 2.32
CA VAL A 28 24.96 35.16 0.92
C VAL A 28 24.49 36.53 0.41
N ASN A 29 25.39 37.25 -0.25
CA ASN A 29 25.10 38.59 -0.74
C ASN A 29 24.34 38.52 -2.07
N VAL A 30 23.58 39.58 -2.37
CA VAL A 30 22.99 39.68 -3.70
C VAL A 30 24.09 39.57 -4.74
N GLY A 31 23.85 38.79 -5.80
CA GLY A 31 24.83 38.59 -6.83
C GLY A 31 25.88 37.54 -6.55
N GLN A 32 25.91 36.97 -5.35
CA GLN A 32 26.75 35.82 -5.02
C GLN A 32 25.90 34.55 -5.14
N ASN A 33 26.56 33.41 -5.22
CA ASN A 33 25.84 32.14 -5.37
C ASN A 33 25.67 31.41 -4.05
N LEU A 34 24.47 30.84 -3.86
CA LEU A 34 24.20 29.85 -2.82
C LEU A 34 24.14 28.48 -3.49
N VAL A 35 25.00 27.56 -3.08
CA VAL A 35 25.12 26.26 -3.73
C VAL A 35 24.49 25.19 -2.85
N VAL A 36 23.58 24.41 -3.43
CA VAL A 36 22.94 23.27 -2.77
C VAL A 36 23.39 22.03 -3.54
N ASP A 37 24.40 21.33 -3.03
CA ASP A 37 24.95 20.16 -3.71
C ASP A 37 24.29 18.91 -3.17
N LEU A 38 23.46 18.26 -3.98
CA LEU A 38 22.73 17.07 -3.55
C LEU A 38 23.46 15.78 -3.90
N SER A 39 24.59 15.84 -4.61
CA SER A 39 25.39 14.64 -4.85
C SER A 39 25.98 14.05 -3.58
N THR A 40 26.13 14.86 -2.54
CA THR A 40 26.58 14.35 -1.26
C THR A 40 25.43 13.85 -0.41
N GLN A 41 24.20 14.02 -0.88
CA GLN A 41 23.02 13.72 -0.09
C GLN A 41 22.15 12.59 -0.64
N ILE A 42 22.14 12.38 -1.96
CA ILE A 42 21.21 11.45 -2.58
C ILE A 42 21.99 10.43 -3.39
N PHE A 43 21.73 9.15 -3.12
CA PHE A 43 22.48 8.06 -3.71
C PHE A 43 21.50 7.01 -4.22
N CYS A 44 21.86 6.38 -5.33
CA CYS A 44 20.99 5.39 -5.96
C CYS A 44 21.84 4.21 -6.43
N HIS A 45 21.17 3.09 -6.65
CA HIS A 45 21.85 1.91 -7.14
C HIS A 45 20.92 1.07 -8.00
N ASN A 46 21.53 0.20 -8.80
CA ASN A 46 20.84 -0.75 -9.67
C ASN A 46 20.82 -2.10 -8.98
N ASP A 47 19.63 -2.71 -8.88
CA ASP A 47 19.51 -3.94 -8.12
C ASP A 47 19.86 -5.19 -8.92
N TYR A 48 19.93 -5.10 -10.24
CA TYR A 48 20.21 -6.27 -11.08
C TYR A 48 21.05 -5.82 -12.25
N PRO A 49 22.27 -5.32 -12.00
CA PRO A 49 23.06 -4.72 -13.08
C PRO A 49 23.67 -5.72 -14.04
N GLU A 50 23.67 -7.01 -13.70
CA GLU A 50 24.14 -8.03 -14.65
C GLU A 50 23.25 -8.07 -15.89
N THR A 51 21.99 -7.69 -15.74
CA THR A 51 20.97 -7.89 -16.75
C THR A 51 20.31 -6.61 -17.21
N ILE A 52 20.22 -5.61 -16.33
CA ILE A 52 19.41 -4.43 -16.56
C ILE A 52 20.25 -3.17 -16.47
N THR A 53 19.95 -2.22 -17.36
CA THR A 53 20.52 -0.88 -17.33
C THR A 53 19.42 0.07 -16.87
N ASP A 54 19.70 0.83 -15.81
CA ASP A 54 18.74 1.81 -15.29
C ASP A 54 19.09 3.21 -15.80
N TYR A 55 18.05 3.94 -16.20
CA TYR A 55 18.19 5.29 -16.75
C TYR A 55 17.53 6.28 -15.82
N VAL A 56 18.23 7.37 -15.51
CA VAL A 56 17.79 8.30 -14.49
C VAL A 56 17.91 9.72 -15.02
N THR A 57 16.82 10.49 -14.89
CA THR A 57 16.79 11.88 -15.29
C THR A 57 16.32 12.74 -14.13
N LEU A 58 16.56 14.04 -14.25
CA LEU A 58 15.83 15.05 -13.47
C LEU A 58 14.62 15.43 -14.32
N GLN A 59 13.46 14.88 -13.96
CA GLN A 59 12.26 15.14 -14.74
C GLN A 59 11.76 16.57 -14.55
N ARG A 60 11.76 17.05 -13.31
CA ARG A 60 11.23 18.36 -12.97
C ARG A 60 11.91 18.86 -11.72
N GLY A 61 12.19 20.17 -11.69
CA GLY A 61 12.71 20.81 -10.51
C GLY A 61 12.02 22.13 -10.23
N SER A 62 11.50 22.32 -9.02
CA SER A 62 10.75 23.53 -8.69
C SER A 62 11.19 24.07 -7.33
N ALA A 63 10.93 25.36 -7.15
CA ALA A 63 11.30 26.10 -5.95
C ALA A 63 10.08 26.40 -5.08
N TYR A 64 10.33 26.46 -3.78
CA TYR A 64 9.32 26.80 -2.78
C TYR A 64 9.96 27.72 -1.73
N GLY A 65 9.10 28.39 -0.97
CA GLY A 65 9.58 29.15 0.17
C GLY A 65 10.45 30.32 -0.22
N GLY A 66 11.54 30.50 0.52
CA GLY A 66 12.41 31.65 0.29
C GLY A 66 13.17 31.57 -1.01
N VAL A 67 13.44 30.36 -1.50
CA VAL A 67 14.08 30.22 -2.80
C VAL A 67 13.15 30.71 -3.91
N LEU A 68 11.87 30.39 -3.80
CA LEU A 68 10.91 30.82 -4.82
C LEU A 68 10.78 32.33 -4.86
N SER A 69 10.77 32.98 -3.68
CA SER A 69 10.49 34.40 -3.62
C SER A 69 11.72 35.27 -3.84
N SER A 70 12.90 34.82 -3.39
CA SER A 70 14.05 35.70 -3.27
C SER A 70 15.26 35.28 -4.07
N PHE A 71 15.19 34.18 -4.82
CA PHE A 71 16.35 33.70 -5.57
C PHE A 71 15.94 33.35 -6.99
N SER A 72 16.93 33.44 -7.89
CA SER A 72 16.89 32.87 -9.23
C SER A 72 18.10 31.96 -9.37
N GLY A 73 18.03 30.99 -10.26
CA GLY A 73 19.15 30.08 -10.33
C GLY A 73 19.16 29.17 -11.54
N THR A 74 20.08 28.21 -11.49
CA THR A 74 20.24 27.16 -12.47
C THR A 74 20.44 25.85 -11.70
N VAL A 75 20.28 24.74 -12.40
CA VAL A 75 20.55 23.42 -11.84
C VAL A 75 21.58 22.73 -12.71
N LYS A 76 22.61 22.16 -12.08
CA LYS A 76 23.61 21.40 -12.79
C LYS A 76 23.32 19.91 -12.62
N TYR A 77 23.06 19.23 -13.73
CA TYR A 77 22.80 17.80 -13.74
C TYR A 77 23.92 17.15 -14.55
N ASN A 78 24.73 16.34 -13.89
CA ASN A 78 25.80 15.60 -14.57
C ASN A 78 26.69 16.56 -15.36
N GLY A 79 27.02 17.70 -14.74
CA GLY A 79 27.93 18.66 -15.33
C GLY A 79 27.33 19.66 -16.29
N SER A 80 26.08 19.51 -16.70
CA SER A 80 25.45 20.41 -17.65
C SER A 80 24.43 21.30 -16.96
N SER A 81 24.21 22.49 -17.52
CA SER A 81 23.38 23.50 -16.90
C SER A 81 22.00 23.59 -17.54
N TYR A 82 21.02 23.93 -16.71
CA TYR A 82 19.63 24.07 -17.12
C TYR A 82 19.01 25.15 -16.25
N PRO A 83 17.99 25.84 -16.75
CA PRO A 83 17.28 26.81 -15.90
C PRO A 83 16.63 26.11 -14.73
N PHE A 84 16.57 26.82 -13.60
CA PHE A 84 15.86 26.33 -12.42
C PHE A 84 14.95 27.44 -11.94
N PRO A 85 13.63 27.21 -11.81
CA PRO A 85 12.94 25.95 -12.09
C PRO A 85 12.98 25.44 -13.53
N THR A 86 12.87 24.12 -13.67
CA THR A 86 13.08 23.48 -14.96
C THR A 86 11.80 23.51 -15.79
N THR A 87 11.99 23.48 -17.11
CA THR A 87 10.88 23.35 -18.05
C THR A 87 11.07 22.14 -18.97
N SER A 88 12.12 21.37 -18.79
CA SER A 88 12.40 20.25 -19.67
C SER A 88 13.11 19.16 -18.87
N GLU A 89 12.93 17.92 -19.32
CA GLU A 89 13.62 16.79 -18.74
C GLU A 89 15.08 16.78 -19.20
N THR A 90 15.97 16.40 -18.29
CA THR A 90 17.39 16.32 -18.61
C THR A 90 17.68 15.07 -19.42
N PRO A 91 18.87 15.00 -20.02
CA PRO A 91 19.39 13.71 -20.50
C PRO A 91 19.50 12.72 -19.34
N ARG A 92 19.66 11.45 -19.70
CA ARG A 92 19.71 10.41 -18.69
C ARG A 92 21.13 10.21 -18.16
N VAL A 93 21.20 9.68 -16.94
CA VAL A 93 22.41 9.15 -16.35
C VAL A 93 22.22 7.66 -16.19
N VAL A 94 23.25 6.89 -16.54
CA VAL A 94 23.15 5.43 -16.47
C VAL A 94 23.59 4.96 -15.09
N TYR A 95 22.80 4.06 -14.50
CA TYR A 95 23.13 3.39 -13.25
C TYR A 95 23.27 1.91 -13.55
N ASN A 96 24.45 1.36 -13.31
CA ASN A 96 24.76 0.01 -13.76
C ASN A 96 25.60 -0.72 -12.70
N SER A 97 25.31 -0.47 -11.43
CA SER A 97 26.06 -1.09 -10.34
C SER A 97 25.20 -1.16 -9.09
N ARG A 98 25.48 -2.18 -8.27
CA ARG A 98 24.86 -2.27 -6.95
C ARG A 98 25.44 -1.24 -5.99
N THR A 99 26.62 -0.70 -6.30
CA THR A 99 27.27 0.25 -5.42
C THR A 99 26.55 1.59 -5.49
N ASP A 100 26.28 2.18 -4.33
CA ASP A 100 25.63 3.47 -4.28
C ASP A 100 26.42 4.48 -5.09
N LYS A 101 25.73 5.23 -5.95
CA LYS A 101 26.33 6.27 -6.77
C LYS A 101 25.56 7.57 -6.59
N PRO A 102 26.26 8.69 -6.48
CA PRO A 102 25.54 9.96 -6.26
C PRO A 102 24.57 10.28 -7.38
N TRP A 103 23.49 10.95 -7.01
CA TRP A 103 22.61 11.60 -7.98
C TRP A 103 23.22 12.97 -8.26
N PRO A 104 23.74 13.21 -9.47
CA PRO A 104 24.61 14.41 -9.65
C PRO A 104 23.83 15.69 -9.92
N VAL A 105 23.13 16.17 -8.90
CA VAL A 105 22.32 17.38 -8.97
C VAL A 105 22.94 18.43 -8.06
N ALA A 106 23.04 19.66 -8.56
CA ALA A 106 23.44 20.79 -7.73
C ALA A 106 22.68 22.04 -8.18
N LEU A 107 22.21 22.81 -7.21
CA LEU A 107 21.49 24.05 -7.47
C LEU A 107 22.42 25.25 -7.26
N TYR A 108 22.31 26.23 -8.15
CA TYR A 108 23.08 27.47 -8.05
C TYR A 108 22.08 28.63 -7.99
N LEU A 109 21.88 29.15 -6.79
CA LEU A 109 20.83 30.11 -6.50
C LEU A 109 21.46 31.44 -6.15
N THR A 110 21.08 32.49 -6.87
CA THR A 110 21.59 33.82 -6.58
C THR A 110 20.46 34.71 -6.07
N PRO A 111 20.64 35.40 -4.95
CA PRO A 111 19.56 36.27 -4.45
C PRO A 111 19.31 37.40 -5.42
N VAL A 112 18.05 37.78 -5.55
CA VAL A 112 17.71 38.95 -6.36
C VAL A 112 17.97 40.21 -5.54
N SER A 113 17.94 41.37 -6.22
CA SER A 113 18.22 42.63 -5.55
C SER A 113 17.29 42.87 -4.38
N SER A 114 16.01 42.55 -4.56
CA SER A 114 14.98 42.79 -3.57
C SER A 114 15.24 42.14 -2.23
N ALA A 115 16.13 41.17 -2.15
CA ALA A 115 16.26 40.38 -0.93
C ALA A 115 16.96 41.13 0.20
N GLY A 116 16.52 40.83 1.42
CA GLY A 116 17.10 41.38 2.64
C GLY A 116 16.61 40.61 3.85
N GLY A 117 17.37 40.72 4.94
CA GLY A 117 17.12 39.95 6.16
C GLY A 117 17.15 38.45 5.92
N VAL A 118 16.32 37.72 6.68
CA VAL A 118 16.27 36.26 6.56
C VAL A 118 15.50 35.94 5.29
N ALA A 119 16.18 35.35 4.32
CA ALA A 119 15.56 34.97 3.06
C ALA A 119 15.04 33.54 3.06
N ILE A 120 15.72 32.63 3.75
CA ILE A 120 15.31 31.23 3.85
C ILE A 120 15.20 30.88 5.33
N LYS A 121 14.02 30.43 5.75
CA LYS A 121 13.83 30.03 7.15
C LYS A 121 14.28 28.60 7.35
N ALA A 122 14.89 28.34 8.51
CA ALA A 122 15.26 26.98 8.87
C ALA A 122 14.02 26.09 8.94
N GLY A 123 14.12 24.89 8.40
CA GLY A 123 13.01 23.97 8.37
C GLY A 123 12.03 24.16 7.24
N SER A 124 12.18 25.20 6.41
CA SER A 124 11.22 25.46 5.36
C SER A 124 11.51 24.61 4.13
N LEU A 125 10.45 24.31 3.38
CA LEU A 125 10.60 23.64 2.09
C LEU A 125 11.15 24.63 1.07
N ILE A 126 12.26 24.27 0.41
CA ILE A 126 12.87 25.14 -0.57
C ILE A 126 12.83 24.59 -1.99
N ALA A 127 12.69 23.28 -2.17
CA ALA A 127 12.64 22.75 -3.52
C ALA A 127 12.01 21.36 -3.52
N VAL A 128 11.46 20.98 -4.67
CA VAL A 128 11.05 19.61 -4.94
C VAL A 128 11.73 19.19 -6.25
N LEU A 129 12.55 18.15 -6.18
CA LEU A 129 13.24 17.62 -7.34
C LEU A 129 12.71 16.21 -7.62
N ILE A 130 12.24 15.99 -8.84
CA ILE A 130 11.69 14.70 -9.23
C ILE A 130 12.71 13.93 -10.05
N LEU A 131 13.18 12.83 -9.49
CA LEU A 131 14.03 11.88 -10.19
C LEU A 131 13.14 10.86 -10.90
N ARG A 132 13.37 10.68 -12.18
CA ARG A 132 12.60 9.72 -12.97
C ARG A 132 13.50 8.58 -13.41
N GLN A 133 13.06 7.35 -13.15
CA GLN A 133 13.84 6.17 -13.44
C GLN A 133 13.09 5.26 -14.41
N THR A 134 13.78 4.84 -15.46
CA THR A 134 13.32 3.85 -16.41
C THR A 134 14.42 2.81 -16.58
N ASN A 135 14.21 1.86 -17.48
CA ASN A 135 15.23 0.85 -17.73
C ASN A 135 15.13 0.35 -19.17
N ASN A 136 16.02 -0.57 -19.50
CA ASN A 136 16.10 -1.19 -20.82
C ASN A 136 15.38 -2.53 -20.85
N TYR A 137 14.58 -2.85 -19.83
CA TYR A 137 14.06 -4.20 -19.63
C TYR A 137 12.55 -4.32 -19.70
N ASN A 138 11.81 -3.38 -19.14
CA ASN A 138 10.36 -3.42 -19.20
C ASN A 138 9.84 -1.98 -19.21
N SER A 139 8.57 -1.82 -18.85
CA SER A 139 7.87 -0.54 -18.98
C SER A 139 7.95 0.31 -17.72
N ASP A 140 8.76 -0.09 -16.74
CA ASP A 140 8.89 0.66 -15.50
C ASP A 140 9.21 2.12 -15.74
N ASP A 141 8.45 3.00 -15.10
CA ASP A 141 8.58 4.45 -15.25
C ASP A 141 8.18 5.07 -13.90
N PHE A 142 9.18 5.29 -13.05
CA PHE A 142 8.95 5.64 -11.66
C PHE A 142 9.47 7.03 -11.31
N GLN A 143 8.76 7.69 -10.40
CA GLN A 143 9.16 8.99 -9.87
C GLN A 143 9.67 8.83 -8.44
N PHE A 144 10.86 9.37 -8.19
CA PHE A 144 11.45 9.47 -6.86
C PHE A 144 11.46 10.95 -6.49
N VAL A 145 10.57 11.36 -5.59
CA VAL A 145 10.34 12.77 -5.31
C VAL A 145 11.16 13.17 -4.08
N TRP A 146 12.04 14.15 -4.25
CA TRP A 146 12.91 14.63 -3.20
C TRP A 146 12.43 16.01 -2.76
N ASN A 147 11.93 16.08 -1.53
CA ASN A 147 11.51 17.34 -0.93
C ASN A 147 12.68 17.90 -0.13
N ILE A 148 13.18 19.07 -0.54
CA ILE A 148 14.40 19.64 0.01
C ILE A 148 14.02 20.67 1.08
N TYR A 149 14.52 20.48 2.29
CA TYR A 149 14.24 21.37 3.40
C TYR A 149 15.53 22.03 3.88
N ALA A 150 15.44 23.29 4.28
CA ALA A 150 16.59 24.00 4.80
C ALA A 150 16.83 23.66 6.26
N ASN A 151 18.08 23.27 6.58
CA ASN A 151 18.46 23.01 7.96
C ASN A 151 18.60 24.30 8.77
N ASN A 152 19.01 25.39 8.12
CA ASN A 152 19.33 26.62 8.84
C ASN A 152 18.80 27.82 8.10
N ASP A 153 18.78 28.96 8.79
CA ASP A 153 18.42 30.23 8.17
C ASP A 153 19.51 30.64 7.19
N VAL A 154 19.10 31.35 6.14
CA VAL A 154 20.04 32.01 5.24
C VAL A 154 19.70 33.50 5.24
N VAL A 155 20.69 34.33 5.55
CA VAL A 155 20.53 35.78 5.57
C VAL A 155 21.11 36.36 4.29
N VAL A 156 20.37 37.28 3.67
CA VAL A 156 20.87 38.06 2.54
C VAL A 156 21.00 39.51 3.01
N PRO A 157 22.21 40.01 3.23
CA PRO A 157 22.34 41.43 3.59
C PRO A 157 21.77 42.34 2.51
N THR A 158 21.11 43.41 2.94
CA THR A 158 20.48 44.34 2.00
C THR A 158 21.48 45.04 1.10
N PHE B 1 -4.99 12.60 11.45
CA PHE B 1 -4.49 13.62 10.49
C PHE B 1 -5.16 14.96 10.75
N ALA B 2 -4.38 16.03 10.77
CA ALA B 2 -4.90 17.36 11.06
C ALA B 2 -3.93 18.39 10.52
N CYS B 3 -4.44 19.61 10.34
CA CYS B 3 -3.68 20.67 9.72
C CYS B 3 -3.85 21.96 10.51
N LYS B 4 -2.96 22.91 10.25
CA LYS B 4 -2.99 24.21 10.89
C LYS B 4 -2.34 25.23 9.95
N THR B 5 -2.58 26.50 10.23
CA THR B 5 -1.95 27.59 9.53
C THR B 5 -0.82 28.17 10.37
N ALA B 6 0.05 28.94 9.71
CA ALA B 6 1.20 29.51 10.41
C ALA B 6 0.75 30.56 11.44
N ASN B 7 -0.34 31.26 11.18
CA ASN B 7 -0.88 32.20 12.15
C ASN B 7 -1.91 31.52 13.05
N GLY B 8 -1.54 30.36 13.62
CA GLY B 8 -2.42 29.73 14.58
C GLY B 8 -3.43 28.69 14.12
N THR B 9 -4.53 29.18 13.54
CA THR B 9 -5.77 28.40 13.47
C THR B 9 -5.57 27.02 12.86
N ALA B 10 -6.39 26.08 13.34
CA ALA B 10 -6.29 24.66 13.02
C ALA B 10 -7.60 24.08 12.49
N ILE B 11 -7.48 23.01 11.71
CA ILE B 11 -8.60 22.17 11.33
C ILE B 11 -8.36 20.77 11.88
N PRO B 12 -9.25 20.22 12.69
CA PRO B 12 -8.95 18.98 13.41
C PRO B 12 -9.23 17.73 12.59
N ILE B 13 -8.99 16.57 13.22
CA ILE B 13 -9.35 15.29 12.64
C ILE B 13 -10.77 15.33 12.11
N GLY B 14 -10.95 14.84 10.89
CA GLY B 14 -12.25 14.82 10.26
C GLY B 14 -12.49 15.97 9.30
N GLY B 15 -11.64 16.99 9.30
CA GLY B 15 -11.74 18.07 8.35
C GLY B 15 -12.55 19.25 8.84
N GLY B 16 -12.86 20.13 7.89
CA GLY B 16 -13.48 21.40 8.22
C GLY B 16 -12.97 22.57 7.38
N SER B 17 -12.86 23.75 7.98
CA SER B 17 -12.45 24.92 7.23
C SER B 17 -11.61 25.86 8.09
N ALA B 18 -10.89 26.75 7.40
CA ALA B 18 -10.08 27.77 8.02
C ALA B 18 -9.79 28.83 6.96
N ASN B 19 -9.54 30.05 7.42
CA ASN B 19 -9.16 31.16 6.56
C ASN B 19 -7.65 31.32 6.60
N VAL B 20 -7.07 31.62 5.45
CA VAL B 20 -5.64 31.88 5.34
C VAL B 20 -5.47 33.26 4.73
N TYR B 21 -4.71 34.11 5.40
CA TYR B 21 -4.47 35.48 4.95
C TYR B 21 -3.05 35.57 4.40
N VAL B 22 -2.94 35.92 3.13
CA VAL B 22 -1.66 35.83 2.43
C VAL B 22 -1.22 37.22 1.98
N ASN B 23 0.06 37.50 2.17
CA ASN B 23 0.70 38.70 1.66
C ASN B 23 1.01 38.50 0.18
N LEU B 24 0.65 39.50 -0.61
CA LEU B 24 0.85 39.47 -2.05
C LEU B 24 1.74 40.62 -2.46
N ALA B 25 2.50 40.42 -3.53
CA ALA B 25 3.26 41.52 -4.10
C ALA B 25 2.31 42.69 -4.36
N PRO B 26 2.66 43.91 -3.94
CA PRO B 26 1.70 45.02 -4.09
C PRO B 26 1.45 45.43 -5.52
N ALA B 27 2.37 45.14 -6.44
CA ALA B 27 2.16 45.46 -7.85
C ALA B 27 2.76 44.36 -8.71
N VAL B 28 2.06 44.05 -9.81
CA VAL B 28 2.51 43.03 -10.75
C VAL B 28 2.07 43.45 -12.14
N ASN B 29 2.99 43.39 -13.09
CA ASN B 29 2.68 43.83 -14.45
C ASN B 29 1.94 42.75 -15.22
N VAL B 30 1.23 43.19 -16.26
CA VAL B 30 0.62 42.25 -17.19
C VAL B 30 1.70 41.29 -17.71
N GLY B 31 1.36 40.00 -17.72
CA GLY B 31 2.27 38.99 -18.19
C GLY B 31 3.33 38.53 -17.21
N GLN B 32 3.45 39.16 -16.05
CA GLN B 32 4.37 38.70 -15.01
C GLN B 32 3.60 37.84 -14.00
N ASN B 33 4.35 37.10 -13.19
CA ASN B 33 3.72 36.18 -12.25
C ASN B 33 3.52 36.80 -10.87
N LEU B 34 2.32 36.57 -10.32
CA LEU B 34 2.01 36.79 -8.91
C LEU B 34 1.99 35.43 -8.24
N VAL B 35 2.84 35.22 -7.25
CA VAL B 35 3.02 33.91 -6.63
C VAL B 35 2.35 33.92 -5.26
N VAL B 36 1.51 32.93 -5.01
CA VAL B 36 0.88 32.71 -3.72
C VAL B 36 1.40 31.38 -3.20
N ASP B 37 2.41 31.42 -2.33
CA ASP B 37 3.05 30.21 -1.82
C ASP B 37 2.39 29.83 -0.50
N LEU B 38 1.62 28.75 -0.52
CA LEU B 38 0.95 28.27 0.69
C LEU B 38 1.78 27.23 1.42
N SER B 39 2.94 26.85 0.88
CA SER B 39 3.84 25.92 1.57
C SER B 39 4.42 26.56 2.82
N THR B 40 4.42 27.89 2.92
CA THR B 40 4.82 28.58 4.13
C THR B 40 3.64 28.81 5.09
N GLN B 41 2.42 28.48 4.68
CA GLN B 41 1.24 28.85 5.45
C GLN B 41 0.43 27.68 6.00
N ILE B 42 0.45 26.52 5.34
CA ILE B 42 -0.43 25.41 5.68
C ILE B 42 0.42 24.19 5.97
N PHE B 43 0.20 23.58 7.13
CA PHE B 43 0.99 22.48 7.62
C PHE B 43 0.08 21.36 8.10
N CYS B 44 0.52 20.13 7.89
CA CYS B 44 -0.28 18.97 8.26
C CYS B 44 0.61 17.91 8.88
N HIS B 45 -0.02 16.98 9.61
CA HIS B 45 0.73 15.90 10.24
C HIS B 45 -0.13 14.66 10.32
N ASN B 46 0.56 13.53 10.51
CA ASN B 46 -0.03 12.20 10.67
C ASN B 46 -0.05 11.85 12.15
N ASP B 47 -1.21 11.43 12.65
CA ASP B 47 -1.35 11.20 14.09
C ASP B 47 -0.86 9.82 14.54
N TYR B 48 -0.67 8.87 13.63
CA TYR B 48 -0.19 7.55 14.01
C TYR B 48 0.69 7.01 12.88
N PRO B 49 1.83 7.66 12.63
CA PRO B 49 2.66 7.31 11.46
C PRO B 49 3.41 6.00 11.61
N GLU B 50 3.45 5.39 12.79
CA GLU B 50 4.12 4.10 12.90
C GLU B 50 3.46 3.05 12.02
N THR B 51 2.15 3.17 11.82
CA THR B 51 1.37 2.14 11.14
C THR B 51 0.49 2.67 10.01
N ILE B 52 0.11 3.95 10.03
CA ILE B 52 -0.88 4.46 9.10
C ILE B 52 -0.18 5.40 8.13
N THR B 53 -0.57 5.32 6.86
CA THR B 53 -0.12 6.23 5.82
C THR B 53 -1.28 7.14 5.44
N ASP B 54 -1.06 8.45 5.52
CA ASP B 54 -2.06 9.42 5.11
C ASP B 54 -1.74 9.93 3.70
N TYR B 55 -2.78 10.01 2.87
CA TYR B 55 -2.67 10.44 1.48
C TYR B 55 -3.43 11.74 1.31
N VAL B 56 -2.80 12.71 0.64
CA VAL B 56 -3.34 14.07 0.58
C VAL B 56 -3.29 14.55 -0.87
N THR B 57 -4.42 15.06 -1.34
CA THR B 57 -4.50 15.63 -2.68
C THR B 57 -5.02 17.06 -2.60
N LEU B 58 -4.80 17.81 -3.68
CA LEU B 58 -5.58 19.01 -3.95
C LEU B 58 -6.78 18.55 -4.77
N GLN B 59 -7.92 18.39 -4.10
CA GLN B 59 -9.10 17.89 -4.80
C GLN B 59 -9.63 18.92 -5.77
N ARG B 60 -9.69 20.17 -5.33
CA ARG B 60 -10.25 21.23 -6.16
C ARG B 60 -9.63 22.55 -5.75
N GLY B 61 -9.41 23.40 -6.74
CA GLY B 61 -8.95 24.76 -6.50
C GLY B 61 -9.81 25.72 -7.29
N SER B 62 -10.35 26.74 -6.64
CA SER B 62 -11.24 27.67 -7.29
C SER B 62 -10.74 29.08 -7.06
N ALA B 63 -11.02 29.95 -8.03
CA ALA B 63 -10.61 31.34 -7.99
C ALA B 63 -11.84 32.21 -7.76
N TYR B 64 -11.64 33.33 -7.07
CA TYR B 64 -12.73 34.23 -6.78
C TYR B 64 -12.26 35.66 -6.95
N GLY B 65 -13.23 36.56 -7.10
CA GLY B 65 -12.91 37.97 -7.06
C GLY B 65 -12.01 38.38 -8.21
N GLY B 66 -10.98 39.16 -7.86
CA GLY B 66 -10.09 39.70 -8.88
C GLY B 66 -9.22 38.66 -9.54
N VAL B 67 -8.89 37.57 -8.82
CA VAL B 67 -8.13 36.49 -9.45
C VAL B 67 -8.96 35.84 -10.55
N LEU B 68 -10.24 35.62 -10.29
CA LEU B 68 -11.10 34.97 -11.27
C LEU B 68 -11.23 35.78 -12.54
N SER B 69 -11.36 37.10 -12.40
CA SER B 69 -11.66 37.97 -13.53
C SER B 69 -10.43 38.44 -14.30
N SER B 70 -9.30 38.63 -13.62
CA SER B 70 -8.19 39.40 -14.18
C SER B 70 -6.88 38.63 -14.26
N PHE B 71 -6.87 37.36 -13.89
CA PHE B 71 -5.66 36.55 -13.92
C PHE B 71 -6.00 35.21 -14.59
N SER B 72 -4.97 34.61 -15.17
CA SER B 72 -5.01 33.20 -15.55
C SER B 72 -3.85 32.54 -14.81
N GLY B 73 -3.94 31.24 -14.55
CA GLY B 73 -2.84 30.70 -13.77
C GLY B 73 -2.78 29.19 -13.75
N THR B 74 -1.84 28.73 -12.93
CA THR B 74 -1.57 27.34 -12.68
C THR B 74 -1.36 27.17 -11.19
N VAL B 75 -1.42 25.93 -10.73
CA VAL B 75 -1.11 25.58 -9.35
C VAL B 75 0.01 24.54 -9.38
N LYS B 76 1.04 24.76 -8.58
CA LYS B 76 2.15 23.82 -8.47
C LYS B 76 1.93 23.01 -7.20
N TYR B 77 1.71 21.70 -7.37
CA TYR B 77 1.45 20.78 -6.27
C TYR B 77 2.56 19.73 -6.29
N ASN B 78 3.37 19.72 -5.23
CA ASN B 78 4.44 18.73 -5.09
C ASN B 78 5.36 18.75 -6.30
N GLY B 79 5.72 19.94 -6.77
CA GLY B 79 6.66 20.10 -7.85
C GLY B 79 6.10 20.02 -9.25
N SER B 80 4.86 19.58 -9.43
CA SER B 80 4.24 19.52 -10.75
C SER B 80 3.10 20.53 -10.85
N SER B 81 2.90 21.08 -12.04
CA SER B 81 1.93 22.15 -12.24
C SER B 81 0.70 21.64 -12.99
N TYR B 82 -0.42 22.30 -12.72
CA TYR B 82 -1.74 21.95 -13.22
C TYR B 82 -2.50 23.24 -13.47
N PRO B 83 -3.52 23.21 -14.33
CA PRO B 83 -4.33 24.42 -14.54
C PRO B 83 -4.97 24.89 -13.25
N PHE B 84 -5.08 26.21 -13.11
CA PHE B 84 -5.81 26.80 -12.00
C PHE B 84 -6.71 27.91 -12.52
N PRO B 85 -8.03 27.89 -12.23
CA PRO B 85 -8.71 26.87 -11.41
C PRO B 85 -8.60 25.47 -11.98
N THR B 86 -8.71 24.50 -11.09
CA THR B 86 -8.36 23.13 -11.41
C THR B 86 -9.45 22.45 -12.22
N THR B 87 -9.02 21.46 -12.99
CA THR B 87 -9.90 20.63 -13.78
C THR B 87 -9.83 19.17 -13.36
N SER B 88 -8.98 18.84 -12.40
CA SER B 88 -8.80 17.47 -11.95
C SER B 88 -8.28 17.45 -10.52
N GLU B 89 -8.48 16.31 -9.85
CA GLU B 89 -7.79 16.04 -8.60
C GLU B 89 -6.33 15.72 -8.88
N THR B 90 -5.43 16.20 -8.01
CA THR B 90 -4.01 15.95 -8.18
C THR B 90 -3.65 14.52 -7.77
N PRO B 91 -2.43 14.09 -8.10
CA PRO B 91 -1.86 12.91 -7.43
C PRO B 91 -1.75 13.16 -5.93
N ARG B 92 -1.44 12.08 -5.22
CA ARG B 92 -1.36 12.12 -3.77
C ARG B 92 0.02 12.53 -3.27
N VAL B 93 0.03 13.12 -2.08
CA VAL B 93 1.24 13.36 -1.31
C VAL B 93 1.11 12.55 -0.02
N VAL B 94 2.18 11.88 0.38
CA VAL B 94 2.17 11.04 1.57
C VAL B 94 2.58 11.86 2.79
N TYR B 95 1.83 11.69 3.87
CA TYR B 95 2.17 12.25 5.18
C TYR B 95 2.41 11.12 6.15
N ASN B 96 3.62 11.05 6.69
CA ASN B 96 4.06 9.89 7.45
C ASN B 96 4.89 10.31 8.66
N SER B 97 4.51 11.41 9.31
CA SER B 97 5.26 11.89 10.46
C SER B 97 4.33 12.71 11.34
N ARG B 98 4.60 12.71 12.64
CA ARG B 98 3.89 13.60 13.55
C ARG B 98 4.34 15.05 13.40
N THR B 99 5.49 15.28 12.78
CA THR B 99 6.01 16.63 12.62
C THR B 99 5.20 17.39 11.59
N ASP B 100 4.83 18.62 11.92
CA ASP B 100 4.10 19.47 10.98
C ASP B 100 4.93 19.61 9.70
N LYS B 101 4.31 19.36 8.56
CA LYS B 101 5.00 19.48 7.29
C LYS B 101 4.19 20.30 6.30
N PRO B 102 4.85 21.10 5.48
CA PRO B 102 4.12 21.97 4.55
C PRO B 102 3.19 21.20 3.63
N TRP B 103 2.08 21.85 3.28
CA TRP B 103 1.25 21.43 2.17
C TRP B 103 1.84 22.07 0.92
N PRO B 104 2.44 21.31 0.00
CA PRO B 104 3.28 21.97 -1.03
C PRO B 104 2.49 22.54 -2.19
N VAL B 105 1.72 23.58 -1.92
CA VAL B 105 0.88 24.25 -2.91
C VAL B 105 1.42 25.66 -3.15
N ALA B 106 1.51 26.05 -4.41
CA ALA B 106 1.81 27.44 -4.77
C ALA B 106 1.03 27.78 -6.03
N LEU B 107 0.45 28.98 -6.04
CA LEU B 107 -0.31 29.47 -7.18
C LEU B 107 0.54 30.43 -7.99
N TYR B 108 0.43 30.34 -9.31
CA TYR B 108 1.14 31.22 -10.23
C TYR B 108 0.09 31.92 -11.09
N LEU B 109 -0.16 33.18 -10.78
CA LEU B 109 -1.25 33.94 -11.38
C LEU B 109 -0.67 35.05 -12.24
N THR B 110 -1.04 35.06 -13.53
CA THR B 110 -0.55 36.07 -14.46
C THR B 110 -1.67 37.00 -14.84
N PRO B 111 -1.52 38.31 -14.67
CA PRO B 111 -2.60 39.22 -15.06
C PRO B 111 -2.80 39.26 -16.57
N VAL B 112 -4.06 39.32 -16.98
CA VAL B 112 -4.46 39.59 -18.35
C VAL B 112 -4.43 41.10 -18.51
N SER B 113 -4.86 41.60 -19.67
CA SER B 113 -4.83 43.03 -19.93
C SER B 113 -5.50 43.81 -18.80
N SER B 114 -4.87 44.93 -18.42
CA SER B 114 -5.30 45.71 -17.27
C SER B 114 -5.57 47.15 -17.65
N ALA B 115 -6.70 47.69 -17.17
CA ALA B 115 -7.05 49.07 -17.40
C ALA B 115 -6.34 50.02 -16.46
N GLY B 116 -5.77 49.54 -15.34
CA GLY B 116 -4.99 50.45 -14.53
C GLY B 116 -4.76 50.20 -13.04
N GLY B 117 -5.82 49.96 -12.31
CA GLY B 117 -5.79 50.09 -10.85
C GLY B 117 -5.72 48.77 -10.11
N VAL B 118 -6.48 48.70 -9.02
CA VAL B 118 -6.49 47.59 -8.08
C VAL B 118 -7.19 46.41 -8.70
N ALA B 119 -6.46 45.32 -8.90
CA ALA B 119 -7.03 44.09 -9.43
C ALA B 119 -7.52 43.17 -8.33
N ILE B 120 -6.85 43.17 -7.18
CA ILE B 120 -7.21 42.36 -6.02
C ILE B 120 -7.38 43.31 -4.84
N LYS B 121 -8.56 43.31 -4.22
CA LYS B 121 -8.79 44.15 -3.07
C LYS B 121 -8.30 43.48 -1.79
N ALA B 122 -7.73 44.28 -0.89
CA ALA B 122 -7.35 43.76 0.41
C ALA B 122 -8.57 43.21 1.14
N GLY B 123 -8.39 42.05 1.77
CA GLY B 123 -9.46 41.39 2.47
C GLY B 123 -10.39 40.56 1.61
N SER B 124 -10.23 40.58 0.30
CA SER B 124 -11.14 39.84 -0.56
C SER B 124 -10.74 38.37 -0.66
N LEU B 125 -11.74 37.53 -0.89
CA LEU B 125 -11.51 36.12 -1.15
C LEU B 125 -10.92 35.96 -2.55
N ILE B 126 -9.79 35.26 -2.65
CA ILE B 126 -9.16 35.04 -3.95
C ILE B 126 -9.15 33.57 -4.36
N ALA B 127 -9.24 32.63 -3.42
CA ALA B 127 -9.26 31.22 -3.82
C ALA B 127 -9.83 30.38 -2.69
N VAL B 128 -10.37 29.22 -3.07
CA VAL B 128 -10.72 28.16 -2.15
C VAL B 128 -10.02 26.90 -2.61
N LEU B 129 -9.17 26.35 -1.75
CA LEU B 129 -8.42 25.15 -2.04
C LEU B 129 -8.91 24.04 -1.12
N ILE B 130 -9.33 22.92 -1.70
CA ILE B 130 -9.83 21.79 -0.93
C ILE B 130 -8.73 20.74 -0.85
N LEU B 131 -8.25 20.52 0.36
CA LEU B 131 -7.33 19.44 0.66
C LEU B 131 -8.14 18.21 1.01
N ARG B 132 -7.88 17.11 0.32
CA ARG B 132 -8.60 15.87 0.57
C ARG B 132 -7.64 14.85 1.15
N GLN B 133 -8.03 14.26 2.28
CA GLN B 133 -7.19 13.32 3.01
C GLN B 133 -7.87 11.97 3.08
N THR B 134 -7.12 10.94 2.72
CA THR B 134 -7.51 9.54 2.87
C THR B 134 -6.36 8.83 3.56
N ASN B 135 -6.47 7.52 3.70
CA ASN B 135 -5.41 6.74 4.35
C ASN B 135 -5.40 5.35 3.74
N ASN B 136 -4.55 4.49 4.29
CA ASN B 136 -4.34 3.17 3.72
C ASN B 136 -5.25 2.10 4.29
N TYR B 137 -6.09 2.40 5.26
CA TYR B 137 -6.74 1.32 6.00
C TYR B 137 -8.26 1.37 6.02
N ASN B 138 -8.90 2.53 5.96
CA ASN B 138 -10.36 2.54 5.99
C ASN B 138 -10.90 3.58 5.02
N SER B 139 -12.18 3.91 5.19
CA SER B 139 -12.92 4.73 4.25
C SER B 139 -12.90 6.21 4.57
N ASP B 140 -12.07 6.63 5.54
CA ASP B 140 -11.97 8.05 5.87
C ASP B 140 -11.68 8.84 4.61
N ASP B 141 -12.48 9.88 4.39
CA ASP B 141 -12.41 10.71 3.18
C ASP B 141 -12.80 12.12 3.63
N PHE B 142 -11.81 12.91 4.02
CA PHE B 142 -12.07 14.18 4.68
C PHE B 142 -11.59 15.35 3.84
N GLN B 143 -12.36 16.44 3.88
CA GLN B 143 -12.04 17.66 3.17
C GLN B 143 -11.60 18.71 4.18
N PHE B 144 -10.45 19.31 3.91
CA PHE B 144 -9.91 20.44 4.67
C PHE B 144 -9.97 21.64 3.74
N VAL B 145 -10.93 22.54 3.98
CA VAL B 145 -11.23 23.62 3.04
C VAL B 145 -10.49 24.88 3.49
N TRP B 146 -9.61 25.37 2.62
CA TRP B 146 -8.78 26.54 2.90
C TRP B 146 -9.31 27.71 2.09
N ASN B 147 -9.87 28.70 2.77
CA ASN B 147 -10.35 29.92 2.14
C ASN B 147 -9.24 30.95 2.16
N ILE B 148 -8.78 31.37 0.98
CA ILE B 148 -7.60 32.21 0.85
C ILE B 148 -8.05 33.65 0.66
N TYR B 149 -7.58 34.53 1.54
CA TYR B 149 -7.91 35.96 1.50
C TYR B 149 -6.66 36.77 1.27
N ALA B 150 -6.80 37.86 0.52
CA ALA B 150 -5.69 38.77 0.29
C ALA B 150 -5.51 39.70 1.48
N ASN B 151 -4.27 39.79 1.97
CA ASN B 151 -3.96 40.73 3.05
C ASN B 151 -3.91 42.17 2.54
N ASN B 152 -3.50 42.37 1.28
CA ASN B 152 -3.27 43.70 0.78
C ASN B 152 -3.78 43.83 -0.65
N ASP B 153 -3.89 45.08 -1.10
CA ASP B 153 -4.25 45.35 -2.49
C ASP B 153 -3.16 44.87 -3.42
N VAL B 154 -3.54 44.44 -4.62
CA VAL B 154 -2.59 44.20 -5.69
C VAL B 154 -2.99 45.08 -6.86
N VAL B 155 -2.05 45.91 -7.31
CA VAL B 155 -2.23 46.81 -8.43
C VAL B 155 -1.61 46.16 -9.67
N VAL B 156 -2.34 46.19 -10.78
CA VAL B 156 -1.78 45.80 -12.07
C VAL B 156 -1.69 47.07 -12.92
N PRO B 157 -0.50 47.63 -13.14
CA PRO B 157 -0.40 48.82 -14.00
C PRO B 157 -0.98 48.55 -15.38
N THR B 158 -1.48 49.62 -15.99
CA THR B 158 -2.15 49.54 -17.29
C THR B 158 -1.23 48.90 -18.32
N GLY B 159 -1.79 47.96 -19.07
CA GLY B 159 -1.06 47.32 -20.15
C GLY B 159 -1.88 46.24 -20.84
N PHE C 1 -7.05 -0.51 16.80
CA PHE C 1 -7.10 -1.97 17.13
C PHE C 1 -6.08 -2.70 16.25
N ALA C 2 -5.32 -3.59 16.85
CA ALA C 2 -4.27 -4.31 16.14
C ALA C 2 -3.94 -5.57 16.92
N CYS C 3 -3.33 -6.52 16.22
CA CYS C 3 -3.05 -7.83 16.80
C CYS C 3 -1.62 -8.24 16.48
N LYS C 4 -1.14 -9.24 17.21
CA LYS C 4 0.22 -9.73 17.04
C LYS C 4 0.29 -11.16 17.54
N THR C 5 1.32 -11.85 17.10
CA THR C 5 1.59 -13.21 17.55
C THR C 5 2.74 -13.22 18.55
N ALA C 6 2.77 -14.27 19.38
CA ALA C 6 3.87 -14.44 20.33
C ALA C 6 5.11 -14.82 19.54
N ASN C 7 6.24 -14.17 19.83
CA ASN C 7 7.47 -14.46 19.10
C ASN C 7 7.27 -14.21 17.61
N GLY C 8 6.59 -13.13 17.23
CA GLY C 8 6.48 -12.84 15.81
C GLY C 8 5.60 -11.66 15.45
N THR C 9 5.14 -11.75 14.20
CA THR C 9 4.61 -10.65 13.42
C THR C 9 3.35 -10.05 14.01
N ALA C 10 2.98 -8.89 13.44
CA ALA C 10 1.83 -8.10 13.82
C ALA C 10 0.92 -7.93 12.62
N ILE C 11 -0.36 -7.68 12.88
CA ILE C 11 -1.28 -7.21 11.85
C ILE C 11 -1.75 -5.83 12.29
N PRO C 12 -1.57 -4.81 11.47
CA PRO C 12 -1.78 -3.43 11.91
C PRO C 12 -3.25 -3.01 11.89
N ILE C 13 -3.46 -1.75 12.29
CA ILE C 13 -4.75 -1.09 12.15
C ILE C 13 -5.26 -1.34 10.75
N GLY C 14 -6.52 -1.75 10.63
CA GLY C 14 -7.12 -2.04 9.36
C GLY C 14 -7.10 -3.50 8.95
N GLY C 15 -6.36 -4.33 9.66
CA GLY C 15 -6.36 -5.75 9.36
C GLY C 15 -5.30 -6.14 8.37
N GLY C 16 -5.45 -7.36 7.86
CA GLY C 16 -4.43 -7.98 7.04
C GLY C 16 -4.29 -9.45 7.35
N SER C 17 -3.09 -10.00 7.26
CA SER C 17 -2.90 -11.42 7.52
C SER C 17 -1.52 -11.66 8.09
N ALA C 18 -1.38 -12.83 8.71
CA ALA C 18 -0.14 -13.23 9.34
C ALA C 18 -0.15 -14.74 9.50
N ASN C 19 1.04 -15.31 9.61
CA ASN C 19 1.20 -16.74 9.81
C ASN C 19 1.44 -17.01 11.30
N VAL C 20 0.84 -18.09 11.78
CA VAL C 20 1.02 -18.55 13.16
C VAL C 20 1.52 -19.99 13.12
N TYR C 21 2.63 -20.26 13.80
CA TYR C 21 3.22 -21.58 13.84
C TYR C 21 2.95 -22.19 15.20
N VAL C 22 2.26 -23.34 15.22
CA VAL C 22 1.78 -23.92 16.46
C VAL C 22 2.41 -25.28 16.69
N ASN C 23 2.83 -25.53 17.93
CA ASN C 23 3.31 -26.83 18.35
C ASN C 23 2.12 -27.74 18.62
N LEU C 24 2.19 -28.96 18.07
CA LEU C 24 1.13 -29.93 18.19
C LEU C 24 1.65 -31.18 18.90
N ALA C 25 0.77 -31.86 19.61
CA ALA C 25 1.13 -33.14 20.18
C ALA C 25 1.68 -34.04 19.09
N PRO C 26 2.83 -34.68 19.30
CA PRO C 26 3.44 -35.47 18.21
C PRO C 26 2.64 -36.69 17.81
N ALA C 27 1.78 -37.21 18.66
CA ALA C 27 0.96 -38.37 18.33
C ALA C 27 -0.42 -38.22 18.95
N VAL C 28 -1.44 -38.69 18.23
CA VAL C 28 -2.82 -38.62 18.66
C VAL C 28 -3.55 -39.86 18.18
N ASN C 29 -4.24 -40.54 19.09
CA ASN C 29 -4.95 -41.74 18.69
C ASN C 29 -6.31 -41.36 18.08
N VAL C 30 -6.83 -42.26 17.25
CA VAL C 30 -8.19 -42.10 16.76
C VAL C 30 -9.12 -41.96 17.96
N GLY C 31 -10.05 -41.01 17.88
CA GLY C 31 -10.98 -40.75 18.96
C GLY C 31 -10.48 -39.89 20.10
N GLN C 32 -9.21 -39.52 20.11
CA GLN C 32 -8.68 -38.56 21.08
C GLN C 32 -8.66 -37.16 20.46
N ASN C 33 -8.47 -36.15 21.33
CA ASN C 33 -8.44 -34.76 20.88
C ASN C 33 -7.01 -34.27 20.68
N LEU C 34 -6.81 -33.56 19.57
CA LEU C 34 -5.63 -32.73 19.32
C LEU C 34 -6.04 -31.29 19.56
N VAL C 35 -5.38 -30.61 20.50
CA VAL C 35 -5.78 -29.27 20.89
C VAL C 35 -4.82 -28.25 20.32
N VAL C 36 -5.36 -27.25 19.65
CA VAL C 36 -4.61 -26.13 19.10
C VAL C 36 -5.10 -24.89 19.83
N ASP C 37 -4.36 -24.44 20.84
CA ASP C 37 -4.76 -23.31 21.66
C ASP C 37 -4.08 -22.06 21.10
N LEU C 38 -4.87 -21.19 20.51
CA LEU C 38 -4.36 -19.94 19.95
C LEU C 38 -4.44 -18.79 20.94
N SER C 39 -5.04 -19.02 22.11
CA SER C 39 -5.08 -17.99 23.14
C SER C 39 -3.70 -17.67 23.68
N THR C 40 -2.74 -18.58 23.54
CA THR C 40 -1.36 -18.31 23.91
C THR C 40 -0.53 -17.72 22.77
N GLN C 41 -1.10 -17.63 21.57
CA GLN C 41 -0.35 -17.25 20.39
C GLN C 41 -0.79 -15.91 19.79
N ILE C 42 -2.05 -15.53 19.96
CA ILE C 42 -2.61 -14.37 19.26
C ILE C 42 -3.16 -13.40 20.31
N PHE C 43 -2.71 -12.14 20.23
CA PHE C 43 -3.05 -11.12 21.20
C PHE C 43 -3.46 -9.86 20.45
N CYS C 44 -4.43 -9.15 21.02
CA CYS C 44 -4.97 -7.96 20.40
C CYS C 44 -5.16 -6.89 21.46
N HIS C 45 -5.26 -5.64 20.99
CA HIS C 45 -5.46 -4.53 21.91
C HIS C 45 -6.27 -3.44 21.25
N ASN C 46 -6.83 -2.57 22.10
CA ASN C 46 -7.59 -1.40 21.70
C ASN C 46 -6.69 -0.18 21.80
N ASP C 47 -6.63 0.61 20.72
CA ASP C 47 -5.70 1.73 20.68
C ASP C 47 -6.26 3.01 21.32
N TYR C 48 -7.57 3.09 21.54
CA TYR C 48 -8.19 4.30 22.09
C TYR C 48 -9.32 3.88 23.02
N PRO C 49 -9.01 3.15 24.09
CA PRO C 49 -10.08 2.59 24.93
C PRO C 49 -10.78 3.60 25.81
N GLU C 50 -10.23 4.81 25.97
CA GLU C 50 -10.94 5.85 26.69
C GLU C 50 -12.23 6.24 25.98
N THR C 51 -12.27 6.05 24.66
CA THR C 51 -13.34 6.57 23.83
C THR C 51 -14.07 5.50 23.03
N ILE C 52 -13.39 4.41 22.67
CA ILE C 52 -13.90 3.46 21.71
C ILE C 52 -13.96 2.07 22.32
N THR C 53 -15.01 1.34 21.95
CA THR C 53 -15.16 -0.07 22.27
C THR C 53 -14.96 -0.89 21.00
N ASP C 54 -14.03 -1.84 21.05
CA ASP C 54 -13.77 -2.73 19.93
C ASP C 54 -14.48 -4.05 20.13
N TYR C 55 -15.10 -4.55 19.06
CA TYR C 55 -15.84 -5.82 19.07
C TYR C 55 -15.16 -6.80 18.15
N VAL C 56 -14.95 -8.03 18.62
CA VAL C 56 -14.13 -9.01 17.92
C VAL C 56 -14.87 -10.34 17.88
N THR C 57 -14.99 -10.90 16.68
CA THR C 57 -15.60 -12.20 16.48
C THR C 57 -14.65 -13.13 15.74
N LEU C 58 -14.97 -14.42 15.79
CA LEU C 58 -14.44 -15.38 14.82
C LEU C 58 -15.47 -15.44 13.70
N GLN C 59 -15.16 -14.76 12.59
CA GLN C 59 -16.10 -14.71 11.48
C GLN C 59 -16.20 -16.05 10.77
N ARG C 60 -15.05 -16.70 10.54
CA ARG C 60 -15.01 -17.91 9.73
C ARG C 60 -13.79 -18.71 10.15
N GLY C 61 -13.95 -20.03 10.20
CA GLY C 61 -12.84 -20.93 10.48
C GLY C 61 -12.82 -22.09 9.51
N SER C 62 -11.69 -22.33 8.85
CA SER C 62 -11.59 -23.35 7.82
C SER C 62 -10.36 -24.23 8.02
N ALA C 63 -10.47 -25.46 7.53
CA ALA C 63 -9.40 -26.44 7.65
C ALA C 63 -8.71 -26.69 6.31
N TYR C 64 -7.42 -26.99 6.38
CA TYR C 64 -6.61 -27.29 5.22
C TYR C 64 -5.66 -28.44 5.56
N GLY C 65 -5.10 -29.04 4.52
CA GLY C 65 -4.04 -30.02 4.70
C GLY C 65 -4.51 -31.26 5.43
N GLY C 66 -3.68 -31.73 6.37
CA GLY C 66 -4.00 -32.96 7.07
C GLY C 66 -5.19 -32.84 7.99
N VAL C 67 -5.45 -31.64 8.51
CA VAL C 67 -6.64 -31.45 9.32
C VAL C 67 -7.89 -31.61 8.47
N LEU C 68 -7.88 -31.06 7.25
CA LEU C 68 -9.05 -31.16 6.38
C LEU C 68 -9.36 -32.60 6.01
N SER C 69 -8.33 -33.40 5.74
CA SER C 69 -8.53 -34.76 5.25
C SER C 69 -8.75 -35.78 6.36
N SER C 70 -8.13 -35.60 7.52
CA SER C 70 -8.07 -36.67 8.52
C SER C 70 -8.64 -36.33 9.88
N PHE C 71 -9.20 -35.13 10.07
CA PHE C 71 -9.75 -34.75 11.36
C PHE C 71 -11.13 -34.13 11.21
N SER C 72 -11.92 -34.24 12.28
CA SER C 72 -13.14 -33.48 12.49
C SER C 72 -13.00 -32.75 13.82
N GLY C 73 -13.72 -31.65 14.01
CA GLY C 73 -13.52 -30.94 15.25
C GLY C 73 -14.56 -29.88 15.56
N THR C 74 -14.24 -29.14 16.61
CA THR C 74 -15.02 -28.01 17.10
C THR C 74 -14.03 -26.90 17.42
N VAL C 75 -14.56 -25.68 17.58
CA VAL C 75 -13.76 -24.53 17.98
C VAL C 75 -14.40 -23.93 19.23
N LYS C 76 -13.56 -23.64 20.23
CA LYS C 76 -14.02 -22.96 21.44
C LYS C 76 -13.65 -21.49 21.36
N TYR C 77 -14.66 -20.63 21.39
CA TYR C 77 -14.48 -19.19 21.35
C TYR C 77 -15.03 -18.62 22.66
N ASN C 78 -14.15 -18.05 23.48
CA ASN C 78 -14.58 -17.42 24.71
C ASN C 78 -15.40 -18.39 25.57
N GLY C 79 -14.91 -19.64 25.63
CA GLY C 79 -15.51 -20.68 26.45
C GLY C 79 -16.66 -21.46 25.83
N SER C 80 -17.21 -21.04 24.70
CA SER C 80 -18.34 -21.74 24.09
C SER C 80 -17.87 -22.47 22.84
N SER C 81 -18.50 -23.60 22.55
CA SER C 81 -18.06 -24.50 21.50
C SER C 81 -18.98 -24.41 20.29
N TYR C 82 -18.39 -24.58 19.10
CA TYR C 82 -19.08 -24.43 17.83
C TYR C 82 -18.48 -25.42 16.84
N PRO C 83 -19.22 -25.80 15.80
CA PRO C 83 -18.64 -26.70 14.79
C PRO C 83 -17.44 -26.06 14.10
N PHE C 84 -16.48 -26.91 13.74
CA PHE C 84 -15.34 -26.49 12.94
C PHE C 84 -15.15 -27.51 11.83
N PRO C 85 -15.10 -27.09 10.55
CA PRO C 85 -15.23 -25.69 10.09
C PRO C 85 -16.57 -25.02 10.37
N THR C 86 -16.51 -23.69 10.49
CA THR C 86 -17.64 -22.89 10.96
C THR C 86 -18.61 -22.56 9.85
N THR C 87 -19.87 -22.36 10.23
CA THR C 87 -20.90 -21.84 9.34
C THR C 87 -21.58 -20.59 9.89
N SER C 88 -21.16 -20.10 11.05
CA SER C 88 -21.77 -18.93 11.65
C SER C 88 -20.67 -18.07 12.25
N GLU C 89 -20.94 -16.78 12.35
CA GLU C 89 -20.10 -15.87 13.12
C GLU C 89 -20.38 -16.08 14.60
N THR C 90 -19.32 -16.02 15.41
CA THR C 90 -19.46 -16.19 16.84
C THR C 90 -20.06 -14.93 17.47
N PRO C 91 -20.48 -15.00 18.73
CA PRO C 91 -20.71 -13.77 19.49
C PRO C 91 -19.42 -12.96 19.58
N ARG C 92 -19.56 -11.69 19.93
CA ARG C 92 -18.41 -10.83 19.99
C ARG C 92 -17.77 -10.81 21.37
N VAL C 93 -16.48 -10.53 21.37
CA VAL C 93 -15.68 -10.30 22.57
C VAL C 93 -15.28 -8.83 22.57
N VAL C 94 -15.39 -8.19 23.72
CA VAL C 94 -15.09 -6.77 23.83
C VAL C 94 -13.62 -6.59 24.16
N TYR C 95 -12.97 -5.68 23.43
CA TYR C 95 -11.60 -5.28 23.70
C TYR C 95 -11.63 -3.81 24.09
N ASN C 96 -11.19 -3.52 25.30
CA ASN C 96 -11.36 -2.19 25.88
C ASN C 96 -10.13 -1.80 26.69
N SER C 97 -8.94 -2.18 26.21
CA SER C 97 -7.71 -1.87 26.93
C SER C 97 -6.55 -1.84 25.95
N ARG C 98 -5.56 -0.99 26.27
CA ARG C 98 -4.32 -1.00 25.51
C ARG C 98 -3.48 -2.22 25.81
N THR C 99 -3.76 -2.88 26.93
CA THR C 99 -3.01 -4.06 27.34
C THR C 99 -3.40 -5.24 26.45
N ASP C 100 -2.39 -5.97 26.00
CA ASP C 100 -2.63 -7.13 25.16
C ASP C 100 -3.59 -8.09 25.84
N LYS C 101 -4.59 -8.57 25.10
CA LYS C 101 -5.51 -9.57 25.62
C LYS C 101 -5.58 -10.72 24.63
N PRO C 102 -5.56 -11.97 25.13
CA PRO C 102 -5.58 -13.11 24.21
C PRO C 102 -6.83 -13.11 23.34
N TRP C 103 -6.68 -13.63 22.14
CA TRP C 103 -7.82 -13.98 21.30
C TRP C 103 -8.26 -15.37 21.74
N PRO C 104 -9.43 -15.50 22.36
CA PRO C 104 -9.72 -16.78 23.06
C PRO C 104 -10.26 -17.87 22.14
N VAL C 105 -9.39 -18.36 21.25
CA VAL C 105 -9.73 -19.39 20.28
C VAL C 105 -8.92 -20.64 20.59
N ALA C 106 -9.59 -21.79 20.54
CA ALA C 106 -8.92 -23.09 20.61
C ALA C 106 -9.65 -24.08 19.73
N LEU C 107 -8.88 -24.89 19.01
CA LEU C 107 -9.43 -25.94 18.15
C LEU C 107 -9.32 -27.29 18.84
N TYR C 108 -10.37 -28.11 18.70
CA TYR C 108 -10.40 -29.47 19.25
C TYR C 108 -10.65 -30.40 18.07
N LEU C 109 -9.58 -31.05 17.62
CA LEU C 109 -9.58 -31.84 16.40
C LEU C 109 -9.41 -33.31 16.76
N THR C 110 -10.34 -34.14 16.33
CA THR C 110 -10.24 -35.57 16.60
C THR C 110 -9.98 -36.31 15.29
N PRO C 111 -8.98 -37.18 15.23
CA PRO C 111 -8.74 -37.93 13.99
C PRO C 111 -9.91 -38.86 13.70
N VAL C 112 -10.24 -39.01 12.42
CA VAL C 112 -11.24 -39.99 12.02
C VAL C 112 -10.60 -41.37 11.94
N SER C 113 -11.43 -42.40 11.77
CA SER C 113 -10.94 -43.77 11.74
C SER C 113 -9.89 -43.94 10.66
N SER C 114 -10.16 -43.40 9.48
CA SER C 114 -9.32 -43.56 8.30
C SER C 114 -7.88 -43.14 8.49
N ALA C 115 -7.56 -42.40 9.55
CA ALA C 115 -6.21 -41.85 9.68
C ALA C 115 -5.17 -42.88 10.11
N GLY C 116 -3.96 -42.70 9.59
CA GLY C 116 -2.82 -43.53 9.94
C GLY C 116 -1.53 -42.90 9.46
N GLY C 117 -0.43 -43.32 10.07
CA GLY C 117 0.87 -42.70 9.82
C GLY C 117 0.90 -41.21 10.11
N VAL C 118 1.67 -40.47 9.33
CA VAL C 118 1.79 -39.02 9.50
C VAL C 118 0.53 -38.40 8.93
N ALA C 119 -0.29 -37.81 9.81
CA ALA C 119 -1.53 -37.16 9.38
C ALA C 119 -1.33 -35.68 9.07
N ILE C 120 -0.46 -35.01 9.81
CA ILE C 120 -0.17 -33.59 9.62
C ILE C 120 1.32 -33.44 9.39
N LYS C 121 1.70 -32.87 8.24
CA LYS C 121 3.11 -32.62 7.97
C LYS C 121 3.58 -31.32 8.59
N ALA C 122 4.81 -31.33 9.10
CA ALA C 122 5.41 -30.11 9.63
C ALA C 122 5.50 -29.06 8.53
N GLY C 123 5.18 -27.83 8.88
CA GLY C 123 5.20 -26.74 7.94
C GLY C 123 3.97 -26.60 7.06
N SER C 124 3.02 -27.51 7.15
CA SER C 124 1.85 -27.44 6.29
C SER C 124 0.80 -26.50 6.86
N LEU C 125 0.00 -25.93 5.96
CA LEU C 125 -1.15 -25.12 6.36
C LEU C 125 -2.25 -26.03 6.89
N ILE C 126 -2.72 -25.78 8.11
CA ILE C 126 -3.77 -26.61 8.69
C ILE C 126 -5.07 -25.86 8.91
N ALA C 127 -5.05 -24.54 9.01
CA ALA C 127 -6.30 -23.82 9.19
C ALA C 127 -6.12 -22.36 8.81
N VAL C 128 -7.24 -21.72 8.48
CA VAL C 128 -7.33 -20.28 8.33
C VAL C 128 -8.47 -19.80 9.22
N LEU C 129 -8.15 -18.92 10.17
CA LEU C 129 -9.12 -18.33 11.08
C LEU C 129 -9.21 -16.84 10.80
N ILE C 130 -10.43 -16.35 10.55
CA ILE C 130 -10.65 -14.94 10.26
C ILE C 130 -11.21 -14.26 11.49
N LEU C 131 -10.42 -13.33 12.05
CA LEU C 131 -10.87 -12.44 13.11
C LEU C 131 -11.49 -11.21 12.48
N ARG C 132 -12.70 -10.88 12.90
CA ARG C 132 -13.39 -9.70 12.40
C ARG C 132 -13.55 -8.69 13.53
N GLN C 133 -13.14 -7.45 13.27
CA GLN C 133 -13.16 -6.38 14.25
C GLN C 133 -14.03 -5.23 13.78
N THR C 134 -14.92 -4.78 14.65
CA THR C 134 -15.73 -3.58 14.45
C THR C 134 -15.61 -2.73 15.71
N ASN C 135 -16.36 -1.62 15.75
CA ASN C 135 -16.34 -0.77 16.93
C ASN C 135 -17.67 -0.04 17.07
N ASN C 136 -17.76 0.76 18.13
CA ASN C 136 -18.95 1.55 18.43
C ASN C 136 -18.83 2.99 17.94
N TYR C 137 -17.84 3.29 17.11
CA TYR C 137 -17.45 4.66 16.80
C TYR C 137 -17.63 5.06 15.35
N ASN C 138 -17.32 4.16 14.41
CA ASN C 138 -17.50 4.47 12.99
C ASN C 138 -17.80 3.17 12.26
N SER C 139 -17.60 3.18 10.95
CA SER C 139 -18.00 2.08 10.08
C SER C 139 -16.89 1.05 9.85
N ASP C 140 -15.78 1.13 10.59
CA ASP C 140 -14.68 0.19 10.44
C ASP C 140 -15.15 -1.25 10.58
N ASP C 141 -14.76 -2.09 9.61
CA ASP C 141 -15.15 -3.50 9.55
C ASP C 141 -13.98 -4.24 8.91
N PHE C 142 -13.09 -4.78 9.75
CA PHE C 142 -11.80 -5.29 9.30
C PHE C 142 -11.65 -6.78 9.55
N GLN C 143 -10.93 -7.45 8.66
CA GLN C 143 -10.59 -8.85 8.78
C GLN C 143 -9.12 -9.01 9.12
N PHE C 144 -8.84 -9.79 10.16
CA PHE C 144 -7.48 -10.19 10.55
C PHE C 144 -7.37 -11.68 10.28
N VAL C 145 -6.64 -12.05 9.23
CA VAL C 145 -6.63 -13.41 8.73
C VAL C 145 -5.41 -14.13 9.30
N TRP C 146 -5.65 -15.21 10.04
CA TRP C 146 -4.59 -15.97 10.68
C TRP C 146 -4.43 -17.30 9.96
N ASN C 147 -3.30 -17.48 9.30
CA ASN C 147 -2.96 -18.72 8.61
C ASN C 147 -2.15 -19.58 9.58
N ILE C 148 -2.70 -20.75 9.93
CA ILE C 148 -2.14 -21.58 10.99
C ILE C 148 -1.31 -22.68 10.34
N TYR C 149 -0.03 -22.75 10.72
CA TYR C 149 0.90 -23.73 10.19
C TYR C 149 1.37 -24.66 11.30
N ALA C 150 1.53 -25.94 10.97
CA ALA C 150 2.03 -26.91 11.93
C ALA C 150 3.53 -26.80 12.05
N ASN C 151 4.03 -26.69 13.29
CA ASN C 151 5.47 -26.69 13.52
C ASN C 151 6.06 -28.08 13.36
N ASN C 152 5.30 -29.13 13.67
CA ASN C 152 5.85 -30.48 13.71
C ASN C 152 4.87 -31.47 13.10
N ASP C 153 5.39 -32.66 12.80
CA ASP C 153 4.55 -33.75 12.33
C ASP C 153 3.62 -34.22 13.45
N VAL C 154 2.44 -34.68 13.05
CA VAL C 154 1.53 -35.37 13.98
C VAL C 154 1.26 -36.75 13.41
N VAL C 155 1.54 -37.78 14.21
CA VAL C 155 1.32 -39.17 13.82
C VAL C 155 0.00 -39.63 14.46
N VAL C 156 -0.82 -40.30 13.66
CA VAL C 156 -2.01 -40.98 14.17
C VAL C 156 -1.79 -42.47 14.01
N PRO C 157 -1.55 -43.22 15.09
CA PRO C 157 -1.43 -44.68 14.95
C PRO C 157 -2.70 -45.28 14.36
N THR C 158 -2.53 -46.28 13.50
CA THR C 158 -3.67 -46.91 12.83
C THR C 158 -4.58 -47.63 13.82
N PHE D 1 8.47 -13.13 -8.18
CA PHE D 1 7.40 -14.06 -7.72
C PHE D 1 7.36 -15.29 -8.63
N ALA D 2 7.27 -16.47 -8.03
CA ALA D 2 7.28 -17.71 -8.80
C ALA D 2 6.66 -18.81 -7.95
N CYS D 3 6.22 -19.86 -8.63
CA CYS D 3 5.49 -20.94 -7.99
C CYS D 3 6.02 -22.29 -8.47
N LYS D 4 5.66 -23.33 -7.72
CA LYS D 4 6.03 -24.68 -8.09
C LYS D 4 5.02 -25.66 -7.50
N THR D 5 5.05 -26.89 -8.01
CA THR D 5 4.23 -27.98 -7.50
C THR D 5 5.06 -28.87 -6.59
N ALA D 6 4.37 -29.71 -5.82
CA ALA D 6 5.06 -30.55 -4.83
C ALA D 6 5.93 -31.61 -5.50
N ASN D 7 5.47 -32.23 -6.58
CA ASN D 7 6.33 -33.18 -7.30
C ASN D 7 7.64 -32.51 -7.73
N GLY D 8 7.55 -31.36 -8.42
CA GLY D 8 8.72 -30.65 -8.86
C GLY D 8 8.46 -29.43 -9.74
N THR D 9 7.56 -29.53 -10.72
CA THR D 9 7.51 -28.58 -11.81
C THR D 9 7.32 -27.15 -11.28
N ALA D 10 7.90 -26.19 -11.99
CA ALA D 10 7.87 -24.79 -11.60
C ALA D 10 7.30 -23.92 -12.72
N ILE D 11 6.73 -22.78 -12.35
CA ILE D 11 6.38 -21.72 -13.27
C ILE D 11 7.20 -20.50 -12.86
N PRO D 12 8.02 -19.94 -13.74
CA PRO D 12 8.97 -18.90 -13.33
C PRO D 12 8.36 -17.51 -13.28
N ILE D 13 9.20 -16.54 -12.94
CA ILE D 13 8.81 -15.13 -12.99
C ILE D 13 8.16 -14.85 -14.35
N GLY D 14 7.05 -14.14 -14.32
CA GLY D 14 6.30 -13.79 -15.50
C GLY D 14 5.15 -14.72 -15.81
N GLY D 15 5.07 -15.86 -15.13
CA GLY D 15 3.94 -16.75 -15.29
C GLY D 15 4.15 -17.81 -16.36
N GLY D 16 3.04 -18.44 -16.70
CA GLY D 16 3.06 -19.59 -17.58
C GLY D 16 2.05 -20.64 -17.12
N SER D 17 2.35 -21.92 -17.32
CA SER D 17 1.39 -22.95 -16.95
C SER D 17 2.11 -24.23 -16.57
N ALA D 18 1.38 -25.09 -15.86
CA ALA D 18 1.90 -26.35 -15.37
C ALA D 18 0.75 -27.29 -15.07
N ASN D 19 1.04 -28.58 -15.08
CA ASN D 19 0.06 -29.60 -14.77
C ASN D 19 0.22 -30.05 -13.33
N VAL D 20 -0.91 -30.29 -12.66
CA VAL D 20 -0.95 -30.79 -11.29
C VAL D 20 -1.77 -32.07 -11.30
N TYR D 21 -1.21 -33.15 -10.77
CA TYR D 21 -1.86 -34.44 -10.71
C TYR D 21 -2.27 -34.69 -9.27
N VAL D 22 -3.57 -34.85 -9.04
CA VAL D 22 -4.10 -34.90 -7.68
C VAL D 22 -4.74 -36.25 -7.41
N ASN D 23 -4.47 -36.79 -6.23
CA ASN D 23 -5.13 -38.00 -5.74
C ASN D 23 -6.52 -37.63 -5.23
N LEU D 24 -7.50 -38.40 -5.67
CA LEU D 24 -8.89 -38.18 -5.31
C LEU D 24 -9.44 -39.40 -4.59
N ALA D 25 -10.41 -39.18 -3.71
CA ALA D 25 -11.10 -40.30 -3.09
C ALA D 25 -11.64 -41.23 -4.18
N PRO D 26 -11.42 -42.54 -4.08
CA PRO D 26 -11.85 -43.43 -5.17
C PRO D 26 -13.36 -43.56 -5.31
N ALA D 27 -14.12 -43.31 -4.25
CA ALA D 27 -15.57 -43.37 -4.33
C ALA D 27 -16.16 -42.27 -3.45
N VAL D 28 -17.24 -41.66 -3.93
CA VAL D 28 -17.93 -40.60 -3.21
C VAL D 28 -19.41 -40.69 -3.58
N ASN D 29 -20.27 -40.68 -2.56
CA ASN D 29 -21.69 -40.83 -2.78
C ASN D 29 -22.33 -39.53 -3.24
N VAL D 30 -23.49 -39.67 -3.90
CA VAL D 30 -24.30 -38.51 -4.22
C VAL D 30 -24.54 -37.71 -2.95
N GLY D 31 -24.37 -36.40 -3.05
CA GLY D 31 -24.56 -35.50 -1.94
C GLY D 31 -23.42 -35.40 -0.94
N GLN D 32 -22.38 -36.21 -1.06
CA GLN D 32 -21.21 -36.08 -0.21
C GLN D 32 -20.14 -35.26 -0.93
N ASN D 33 -19.14 -34.80 -0.18
CA ASN D 33 -18.11 -33.94 -0.76
C ASN D 33 -16.88 -34.73 -1.20
N LEU D 34 -16.40 -34.39 -2.39
CA LEU D 34 -15.09 -34.76 -2.90
C LEU D 34 -14.19 -33.55 -2.76
N VAL D 35 -13.11 -33.67 -2.01
CA VAL D 35 -12.24 -32.53 -1.69
C VAL D 35 -10.96 -32.63 -2.50
N VAL D 36 -10.63 -31.55 -3.19
CA VAL D 36 -9.38 -31.42 -3.94
C VAL D 36 -8.61 -30.29 -3.28
N ASP D 37 -7.65 -30.64 -2.42
CA ASP D 37 -6.87 -29.67 -1.66
C ASP D 37 -5.59 -29.38 -2.41
N LEU D 38 -5.48 -28.17 -2.97
CA LEU D 38 -4.29 -27.76 -3.70
C LEU D 38 -3.31 -27.02 -2.81
N SER D 39 -3.67 -26.78 -1.54
CA SER D 39 -2.75 -26.14 -0.61
C SER D 39 -1.56 -27.05 -0.30
N THR D 40 -1.70 -28.35 -0.52
CA THR D 40 -0.59 -29.29 -0.40
C THR D 40 0.20 -29.46 -1.69
N GLN D 41 -0.26 -28.86 -2.79
CA GLN D 41 0.32 -29.11 -4.10
C GLN D 41 0.97 -27.91 -4.76
N ILE D 42 0.53 -26.69 -4.46
CA ILE D 42 0.96 -25.50 -5.17
C ILE D 42 1.54 -24.52 -4.17
N PHE D 43 2.77 -24.07 -4.43
CA PHE D 43 3.52 -23.23 -3.51
C PHE D 43 4.11 -22.06 -4.29
N CYS D 44 4.17 -20.91 -3.63
CA CYS D 44 4.66 -19.69 -4.25
C CYS D 44 5.53 -18.92 -3.28
N HIS D 45 6.34 -18.01 -3.82
CA HIS D 45 7.18 -17.18 -2.98
C HIS D 45 7.40 -15.82 -3.64
N ASN D 46 7.81 -14.87 -2.80
CA ASN D 46 8.15 -13.50 -3.19
C ASN D 46 9.66 -13.40 -3.30
N ASP D 47 10.14 -12.87 -4.43
CA ASP D 47 11.58 -12.86 -4.68
C ASP D 47 12.30 -11.67 -4.03
N TYR D 48 11.58 -10.64 -3.60
CA TYR D 48 12.24 -9.49 -2.97
C TYR D 48 11.30 -8.95 -1.88
N PRO D 49 11.04 -9.74 -0.85
CA PRO D 49 10.01 -9.37 0.14
C PRO D 49 10.43 -8.25 1.09
N GLU D 50 11.70 -7.84 1.11
CA GLU D 50 12.09 -6.74 1.97
C GLU D 50 11.34 -5.46 1.62
N THR D 51 11.01 -5.30 0.34
CA THR D 51 10.45 -4.05 -0.18
C THR D 51 9.20 -4.24 -1.01
N ILE D 52 8.97 -5.41 -1.61
CA ILE D 52 7.90 -5.59 -2.58
C ILE D 52 6.85 -6.50 -1.93
N THR D 53 5.58 -6.15 -2.14
CA THR D 53 4.45 -6.96 -1.72
C THR D 53 3.80 -7.56 -2.97
N ASP D 54 3.66 -8.88 -2.97
CA ASP D 54 3.01 -9.58 -4.07
C ASP D 54 1.56 -9.89 -3.68
N TYR D 55 0.65 -9.65 -4.63
CA TYR D 55 -0.78 -9.86 -4.43
C TYR D 55 -1.23 -10.98 -5.37
N VAL D 56 -1.99 -11.93 -4.84
CA VAL D 56 -2.33 -13.14 -5.56
C VAL D 56 -3.82 -13.40 -5.43
N THR D 57 -4.49 -13.62 -6.55
CA THR D 57 -5.89 -13.97 -6.56
C THR D 57 -6.10 -15.28 -7.32
N LEU D 58 -7.26 -15.88 -7.10
CA LEU D 58 -7.80 -16.87 -8.04
C LEU D 58 -8.64 -16.08 -9.03
N GLN D 59 -8.06 -15.83 -10.21
CA GLN D 59 -8.77 -15.04 -11.21
C GLN D 59 -9.95 -15.80 -11.78
N ARG D 60 -9.74 -17.09 -12.07
CA ARG D 60 -10.78 -17.89 -12.66
C ARG D 60 -10.55 -19.35 -12.31
N GLY D 61 -11.64 -20.06 -12.11
CA GLY D 61 -11.59 -21.49 -11.91
C GLY D 61 -12.62 -22.11 -12.82
N SER D 62 -12.20 -23.10 -13.61
CA SER D 62 -13.07 -23.71 -14.59
C SER D 62 -13.07 -25.21 -14.36
N ALA D 63 -14.20 -25.84 -14.68
CA ALA D 63 -14.37 -27.27 -14.52
C ALA D 63 -14.40 -27.93 -15.88
N TYR D 64 -13.89 -29.15 -15.94
CA TYR D 64 -13.84 -29.89 -17.20
C TYR D 64 -14.20 -31.34 -16.95
N GLY D 65 -14.58 -32.02 -18.02
CA GLY D 65 -14.76 -33.45 -17.93
C GLY D 65 -15.89 -33.83 -17.00
N GLY D 66 -15.62 -34.84 -16.15
CA GLY D 66 -16.64 -35.35 -15.26
C GLY D 66 -17.03 -34.38 -14.16
N VAL D 67 -16.11 -33.51 -13.74
CA VAL D 67 -16.47 -32.51 -12.74
C VAL D 67 -17.51 -31.54 -13.31
N LEU D 68 -17.32 -31.13 -14.57
CA LEU D 68 -18.24 -30.19 -15.20
C LEU D 68 -19.64 -30.78 -15.33
N SER D 69 -19.73 -32.05 -15.68
CA SER D 69 -21.02 -32.67 -15.98
C SER D 69 -21.73 -33.22 -14.75
N SER D 70 -20.99 -33.72 -13.76
CA SER D 70 -21.57 -34.56 -12.72
C SER D 70 -21.41 -34.04 -11.30
N PHE D 71 -20.84 -32.87 -11.12
CA PHE D 71 -20.63 -32.31 -9.80
C PHE D 71 -21.08 -30.86 -9.79
N SER D 72 -21.45 -30.37 -8.61
CA SER D 72 -21.59 -28.95 -8.35
C SER D 72 -20.63 -28.67 -7.20
N GLY D 73 -20.15 -27.43 -7.10
CA GLY D 73 -19.19 -27.23 -6.03
C GLY D 73 -18.91 -25.79 -5.73
N THR D 74 -17.94 -25.62 -4.84
CA THR D 74 -17.44 -24.35 -4.38
C THR D 74 -15.92 -24.44 -4.32
N VAL D 75 -15.28 -23.29 -4.25
CA VAL D 75 -13.84 -23.22 -4.05
C VAL D 75 -13.61 -22.41 -2.78
N LYS D 76 -12.77 -22.93 -1.91
CA LYS D 76 -12.38 -22.24 -0.69
C LYS D 76 -11.02 -21.60 -0.95
N TYR D 77 -11.00 -20.27 -0.91
CA TYR D 77 -9.78 -19.50 -1.14
C TYR D 77 -9.50 -18.69 0.11
N ASN D 78 -8.39 -19.01 0.78
CA ASN D 78 -7.98 -18.27 1.97
C ASN D 78 -9.09 -18.27 3.02
N GLY D 79 -9.72 -19.43 3.23
CA GLY D 79 -10.72 -19.60 4.26
C GLY D 79 -12.13 -19.20 3.89
N SER D 80 -12.34 -18.51 2.76
CA SER D 80 -13.68 -18.14 2.33
C SER D 80 -14.05 -18.91 1.08
N SER D 81 -15.33 -19.22 0.94
CA SER D 81 -15.82 -20.07 -0.15
C SER D 81 -16.58 -19.24 -1.17
N TYR D 82 -16.52 -19.71 -2.41
CA TYR D 82 -17.08 -19.03 -3.58
C TYR D 82 -17.61 -20.09 -4.53
N PRO D 83 -18.55 -19.74 -5.41
CA PRO D 83 -19.03 -20.73 -6.39
C PRO D 83 -17.91 -21.25 -7.26
N PHE D 84 -18.00 -22.53 -7.61
CA PHE D 84 -17.07 -23.14 -8.55
C PHE D 84 -17.84 -23.97 -9.57
N PRO D 85 -17.66 -23.74 -10.88
CA PRO D 85 -16.74 -22.75 -11.46
C PRO D 85 -17.06 -21.32 -11.07
N THR D 86 -16.03 -20.49 -11.08
CA THR D 86 -16.10 -19.18 -10.47
C THR D 86 -16.87 -18.21 -11.36
N THR D 87 -17.45 -17.21 -10.71
CA THR D 87 -18.19 -16.16 -11.38
C THR D 87 -17.54 -14.81 -11.16
N SER D 88 -16.46 -14.76 -10.38
CA SER D 88 -15.77 -13.52 -10.05
C SER D 88 -14.34 -13.83 -9.62
N GLU D 89 -13.49 -12.81 -9.70
CA GLU D 89 -12.16 -12.88 -9.11
C GLU D 89 -12.23 -12.77 -7.60
N THR D 90 -11.39 -13.53 -6.91
CA THR D 90 -11.37 -13.52 -5.45
C THR D 90 -10.66 -12.28 -4.91
N PRO D 91 -10.78 -12.03 -3.61
CA PRO D 91 -9.86 -11.09 -2.95
C PRO D 91 -8.42 -11.56 -3.07
N ARG D 92 -7.50 -10.67 -2.69
CA ARG D 92 -6.08 -10.94 -2.80
C ARG D 92 -5.55 -11.67 -1.59
N VAL D 93 -4.49 -12.44 -1.81
CA VAL D 93 -3.66 -13.01 -0.75
C VAL D 93 -2.28 -12.40 -0.89
N VAL D 94 -1.68 -12.02 0.24
CA VAL D 94 -0.37 -11.38 0.24
C VAL D 94 0.71 -12.43 0.36
N TYR D 95 1.74 -12.31 -0.47
CA TYR D 95 2.94 -13.13 -0.39
C TYR D 95 4.12 -12.21 -0.09
N ASN D 96 4.78 -12.45 1.04
CA ASN D 96 5.77 -11.52 1.56
C ASN D 96 6.95 -12.26 2.16
N SER D 97 7.36 -13.36 1.53
CA SER D 97 8.46 -14.17 2.04
C SER D 97 9.11 -14.94 0.91
N ARG D 98 10.41 -15.17 1.04
CA ARG D 98 11.10 -16.06 0.11
C ARG D 98 10.76 -17.52 0.34
N THR D 99 10.19 -17.84 1.50
CA THR D 99 9.84 -19.22 1.82
C THR D 99 8.64 -19.64 1.00
N ASP D 100 8.73 -20.83 0.39
CA ASP D 100 7.60 -21.37 -0.35
C ASP D 100 6.41 -21.47 0.58
N LYS D 101 5.28 -20.91 0.15
CA LYS D 101 4.07 -20.95 0.94
C LYS D 101 2.89 -21.44 0.12
N PRO D 102 2.00 -22.21 0.74
CA PRO D 102 0.88 -22.78 -0.01
C PRO D 102 0.04 -21.71 -0.69
N TRP D 103 -0.52 -22.09 -1.84
CA TRP D 103 -1.63 -21.36 -2.44
C TRP D 103 -2.91 -21.92 -1.82
N PRO D 104 -3.64 -21.15 -1.00
CA PRO D 104 -4.67 -21.78 -0.14
C PRO D 104 -6.00 -22.02 -0.86
N VAL D 105 -5.97 -22.95 -1.80
CA VAL D 105 -7.13 -23.28 -2.62
C VAL D 105 -7.57 -24.70 -2.29
N ALA D 106 -8.88 -24.89 -2.13
CA ALA D 106 -9.45 -26.23 -2.02
C ALA D 106 -10.81 -26.23 -2.70
N LEU D 107 -11.07 -27.29 -3.47
CA LEU D 107 -12.33 -27.45 -4.17
C LEU D 107 -13.21 -28.42 -3.39
N TYR D 108 -14.51 -28.10 -3.33
CA TYR D 108 -15.49 -28.95 -2.67
C TYR D 108 -16.54 -29.31 -3.73
N LEU D 109 -16.47 -30.54 -4.23
CA LEU D 109 -17.28 -30.98 -5.36
C LEU D 109 -18.26 -32.03 -4.85
N THR D 110 -19.55 -31.78 -5.08
CA THR D 110 -20.60 -32.68 -4.64
C THR D 110 -21.24 -33.35 -5.85
N PRO D 111 -21.30 -34.68 -5.91
CA PRO D 111 -21.94 -35.31 -7.07
C PRO D 111 -23.44 -35.07 -7.09
N VAL D 112 -23.96 -34.82 -8.29
CA VAL D 112 -25.39 -34.79 -8.56
C VAL D 112 -25.81 -36.24 -8.79
N SER D 113 -27.07 -36.45 -9.16
CA SER D 113 -27.57 -37.81 -9.36
C SER D 113 -26.64 -38.61 -10.27
N SER D 114 -26.48 -39.89 -9.94
CA SER D 114 -25.52 -40.75 -10.63
C SER D 114 -26.18 -42.04 -11.10
N ALA D 115 -25.91 -42.40 -12.36
CA ALA D 115 -26.32 -43.69 -12.89
C ALA D 115 -25.36 -44.80 -12.49
N GLY D 116 -24.31 -44.45 -11.75
CA GLY D 116 -23.33 -45.41 -11.27
C GLY D 116 -22.11 -45.46 -12.19
N GLY D 117 -21.06 -46.05 -11.67
CA GLY D 117 -19.78 -46.13 -12.34
C GLY D 117 -18.89 -44.91 -12.19
N VAL D 118 -18.02 -44.76 -13.18
CA VAL D 118 -16.92 -43.80 -13.16
C VAL D 118 -17.39 -42.42 -13.57
N ALA D 119 -17.31 -41.46 -12.65
CA ALA D 119 -17.66 -40.07 -12.94
C ALA D 119 -16.45 -39.27 -13.41
N ILE D 120 -15.27 -39.56 -12.86
CA ILE D 120 -14.03 -38.89 -13.23
C ILE D 120 -13.04 -39.97 -13.67
N LYS D 121 -12.54 -39.86 -14.90
CA LYS D 121 -11.58 -40.82 -15.39
C LYS D 121 -10.17 -40.46 -14.93
N ALA D 122 -9.38 -41.47 -14.62
CA ALA D 122 -7.97 -41.25 -14.31
C ALA D 122 -7.28 -40.63 -15.52
N GLY D 123 -6.43 -39.63 -15.26
CA GLY D 123 -5.73 -38.93 -16.30
C GLY D 123 -6.51 -37.82 -16.98
N SER D 124 -7.78 -37.64 -16.65
CA SER D 124 -8.59 -36.63 -17.31
C SER D 124 -8.38 -35.26 -16.66
N LEU D 125 -8.57 -34.21 -17.46
CA LEU D 125 -8.57 -32.85 -16.96
C LEU D 125 -9.84 -32.59 -16.17
N ILE D 126 -9.70 -32.11 -14.94
CA ILE D 126 -10.88 -31.81 -14.13
C ILE D 126 -11.01 -30.31 -13.82
N ALA D 127 -9.94 -29.53 -13.88
CA ALA D 127 -10.07 -28.11 -13.62
C ALA D 127 -8.88 -27.36 -14.18
N VAL D 128 -9.12 -26.08 -14.47
CA VAL D 128 -8.08 -25.12 -14.78
C VAL D 128 -8.25 -23.95 -13.81
N LEU D 129 -7.23 -23.70 -13.00
CA LEU D 129 -7.24 -22.62 -12.03
C LEU D 129 -6.19 -21.60 -12.45
N ILE D 130 -6.61 -20.36 -12.60
CA ILE D 130 -5.70 -19.28 -13.00
C ILE D 130 -5.35 -18.48 -11.75
N LEU D 131 -4.08 -18.54 -11.38
CA LEU D 131 -3.52 -17.70 -10.33
C LEU D 131 -3.03 -16.41 -10.97
N ARG D 132 -3.50 -15.29 -10.44
CA ARG D 132 -3.10 -13.99 -10.96
C ARG D 132 -2.27 -13.25 -9.93
N GLN D 133 -1.11 -12.78 -10.35
CA GLN D 133 -0.16 -12.13 -9.46
C GLN D 133 0.10 -10.70 -9.91
N THR D 134 -0.03 -9.77 -8.96
CA THR D 134 0.34 -8.38 -9.15
C THR D 134 1.24 -7.99 -7.98
N ASN D 135 1.61 -6.72 -7.88
CA ASN D 135 2.46 -6.25 -6.80
C ASN D 135 2.12 -4.81 -6.50
N ASN D 136 2.88 -4.22 -5.59
CA ASN D 136 2.59 -2.88 -5.11
C ASN D 136 3.28 -1.77 -5.88
N TYR D 137 4.11 -2.08 -6.88
CA TYR D 137 4.97 -1.04 -7.42
C TYR D 137 4.86 -0.83 -8.93
N ASN D 138 4.54 -1.85 -9.73
CA ASN D 138 4.44 -1.58 -11.16
C ASN D 138 3.25 -2.34 -11.74
N SER D 139 3.23 -2.46 -13.06
CA SER D 139 2.09 -2.96 -13.82
C SER D 139 2.15 -4.45 -14.07
N ASP D 140 3.10 -5.16 -13.46
CA ASP D 140 3.19 -6.60 -13.64
C ASP D 140 1.85 -7.24 -13.34
N ASP D 141 1.37 -8.05 -14.28
CA ASP D 141 0.05 -8.68 -14.19
C ASP D 141 0.19 -10.04 -14.86
N PHE D 142 0.52 -11.05 -14.07
CA PHE D 142 0.93 -12.34 -14.63
C PHE D 142 -0.06 -13.44 -14.25
N GLN D 143 -0.27 -14.35 -15.18
CA GLN D 143 -1.15 -15.50 -14.99
C GLN D 143 -0.30 -16.76 -14.83
N PHE D 144 -0.57 -17.50 -13.76
CA PHE D 144 0.03 -18.81 -13.51
C PHE D 144 -1.10 -19.82 -13.67
N VAL D 145 -1.09 -20.56 -14.77
CA VAL D 145 -2.23 -21.40 -15.14
C VAL D 145 -1.96 -22.82 -14.67
N TRP D 146 -2.81 -23.32 -13.80
CA TRP D 146 -2.67 -24.65 -13.21
C TRP D 146 -3.74 -25.55 -13.82
N ASN D 147 -3.30 -26.53 -14.60
CA ASN D 147 -4.18 -27.52 -15.19
C ASN D 147 -4.22 -28.74 -14.28
N ILE D 148 -5.41 -29.05 -13.75
CA ILE D 148 -5.57 -30.06 -12.72
C ILE D 148 -6.03 -31.35 -13.37
N TYR D 149 -5.29 -32.42 -13.16
CA TYR D 149 -5.61 -33.74 -13.71
C TYR D 149 -5.87 -34.73 -12.59
N ALA D 150 -6.81 -35.64 -12.83
CA ALA D 150 -7.10 -36.69 -11.87
C ALA D 150 -6.07 -37.81 -12.00
N ASN D 151 -5.48 -38.20 -10.87
CA ASN D 151 -4.57 -39.34 -10.86
C ASN D 151 -5.32 -40.66 -10.97
N ASN D 152 -6.55 -40.73 -10.45
CA ASN D 152 -7.26 -42.00 -10.35
C ASN D 152 -8.72 -41.79 -10.72
N ASP D 153 -9.40 -42.90 -10.96
CA ASP D 153 -10.83 -42.88 -11.20
C ASP D 153 -11.57 -42.48 -9.93
N VAL D 154 -12.69 -41.81 -10.10
CA VAL D 154 -13.62 -41.56 -9.01
C VAL D 154 -14.95 -42.19 -9.41
N VAL D 155 -15.44 -43.10 -8.57
CA VAL D 155 -16.72 -43.76 -8.78
C VAL D 155 -17.77 -43.05 -7.93
N VAL D 156 -18.91 -42.75 -8.52
CA VAL D 156 -20.07 -42.29 -7.77
C VAL D 156 -21.12 -43.40 -7.84
N PRO D 157 -21.34 -44.14 -6.75
CA PRO D 157 -22.38 -45.17 -6.76
C PRO D 157 -23.73 -44.59 -7.14
N THR D 158 -24.55 -45.44 -7.75
CA THR D 158 -25.85 -45.04 -8.25
C THR D 158 -26.69 -44.42 -7.13
N GLY D 159 -27.32 -43.29 -7.43
CA GLY D 159 -28.20 -42.63 -6.48
C GLY D 159 -28.77 -41.32 -6.99
C1 MAN E . -9.63 7.48 16.21
C2 MAN E . -9.95 6.02 15.89
C3 MAN E . -8.72 5.21 15.50
C4 MAN E . -7.89 5.97 14.50
C5 MAN E . -7.48 7.28 15.14
C6 MAN E . -6.56 8.10 14.28
O1 MAN E . -9.20 7.61 17.48
O2 MAN E . -10.91 5.97 14.85
O3 MAN E . -9.09 3.96 14.94
O4 MAN E . -6.75 5.23 14.12
O5 MAN E . -8.66 8.06 15.34
O6 MAN E . -7.18 8.41 13.06
H1 MAN E . -10.51 8.12 16.02
H2 MAN E . -10.41 5.56 16.76
H3 MAN E . -8.13 4.97 16.39
H4 MAN E . -8.49 6.17 13.62
H5 MAN E . -6.99 7.10 16.10
H61 MAN E . -5.59 7.62 14.14
H62 MAN E . -6.36 9.07 14.74
HO1 MAN E . -9.06 6.70 17.85
HO2 MAN E . -11.81 6.08 15.25
HO4 MAN E . -6.44 5.61 13.25
C1 MAN E . -8.29 2.81 15.27
C2 MAN E . -8.85 1.67 14.35
C3 MAN E . -10.31 1.40 14.76
C4 MAN E . -10.36 1.04 16.26
C5 MAN E . -9.70 2.14 17.12
C6 MAN E . -9.60 1.77 18.62
O2 MAN E . -8.17 0.44 14.54
O3 MAN E . -10.90 0.39 13.98
O4 MAN E . -11.73 0.91 16.66
O5 MAN E . -8.37 2.43 16.63
O6 MAN E . -8.82 0.58 18.79
H1 MAN E . -7.22 3.03 15.14
H2 MAN E . -8.76 1.98 13.30
H3 MAN E . -10.91 2.29 14.59
H4 MAN E . -9.79 0.12 16.40
H5 MAN E . -10.30 3.06 17.04
H61 MAN E . -10.63 1.63 19.00
H62 MAN E . -9.14 2.62 19.15
HO2 MAN E . -7.22 0.58 14.40
HO3 MAN E . -10.78 0.67 13.05
HO4 MAN E . -12.06 0.16 16.16
HO6 MAN E . -8.78 0.13 17.94
C1 MAN E . -6.78 9.73 12.60
C2 MAN E . -7.74 10.08 11.42
C3 MAN E . -7.42 9.18 10.22
C4 MAN E . -5.94 9.30 9.86
C5 MAN E . -5.08 8.92 11.09
C6 MAN E . -3.57 9.08 10.82
O2 MAN E . -7.55 11.40 10.97
O3 MAN E . -8.22 9.49 9.10
O4 MAN E . -5.62 8.43 8.78
O5 MAN E . -5.42 9.76 12.19
O6 MAN E . -3.26 10.46 10.75
H1 MAN E . -6.85 10.45 13.42
H2 MAN E . -8.77 9.93 11.76
H3 MAN E . -7.65 8.14 10.46
H4 MAN E . -5.71 10.36 9.61
H5 MAN E . -5.28 7.88 11.35
H61 MAN E . -3.33 8.56 9.89
H62 MAN E . -3.03 8.59 11.65
HO2 MAN E . -7.78 12.01 11.68
HO3 MAN E . -9.15 9.40 9.40
HO4 MAN E . -6.12 8.78 8.03
HO6 MAN E . -3.94 10.88 10.22
C1 MAN F . 13.68 -8.13 -12.31
C2 MAN F . 13.55 -6.61 -12.37
C3 MAN F . 13.49 -5.97 -10.99
C4 MAN F . 12.48 -6.68 -10.12
C5 MAN F . 12.87 -8.16 -10.05
C6 MAN F . 11.96 -8.97 -9.17
O1 MAN F . 14.96 -8.46 -11.99
O2 MAN F . 12.37 -6.30 -13.11
O3 MAN F . 13.13 -4.59 -11.10
O4 MAN F . 12.48 -6.12 -8.82
O5 MAN F . 12.78 -8.69 -11.37
O6 MAN F . 10.62 -8.95 -9.60
H1 MAN F . 13.37 -8.59 -13.24
H2 MAN F . 14.38 -6.19 -12.94
H3 MAN F . 14.47 -5.97 -10.54
H4 MAN F . 11.49 -6.58 -10.54
H5 MAN F . 13.88 -8.25 -9.68
H61 MAN F . 12.04 -8.68 -8.12
H62 MAN F . 12.24 -10.03 -9.23
HO1 MAN F . 14.97 -9.42 -11.73
HO2 MAN F . 12.49 -6.58 -14.04
HO4 MAN F . 11.87 -5.33 -8.85
C1 MAN F . 13.79 -3.63 -10.23
C2 MAN F . 13.01 -2.30 -10.49
C3 MAN F . 13.29 -1.85 -11.94
C4 MAN F . 14.80 -1.74 -12.15
C5 MAN F . 15.52 -3.05 -11.79
C6 MAN F . 17.05 -2.91 -11.87
O2 MAN F . 13.47 -1.22 -9.68
O3 MAN F . 12.65 -0.62 -12.26
O4 MAN F . 15.08 -1.43 -13.52
O5 MAN F . 15.17 -3.46 -10.47
O6 MAN F . 17.51 -2.12 -10.78
H1 MAN F . 13.78 -4.00 -9.19
H2 MAN F . 11.94 -2.46 -10.30
H3 MAN F . 12.88 -2.59 -12.63
H4 MAN F . 15.17 -0.95 -11.47
H5 MAN F . 15.19 -3.84 -12.48
H61 MAN F . 17.31 -2.44 -12.83
H62 MAN F . 17.50 -3.92 -11.85
HO2 MAN F . 13.47 -1.49 -8.76
HO3 MAN F . 11.72 -0.77 -12.04
HO4 MAN F . 14.71 -0.54 -13.67
HO6 MAN F . 16.80 -1.49 -10.56
C1 MAN F . 9.98 -10.23 -9.44
C2 MAN F . 8.70 -10.22 -10.32
C3 MAN F . 7.70 -9.21 -9.73
C4 MAN F . 7.45 -9.52 -8.25
C5 MAN F . 8.78 -9.54 -7.47
C6 MAN F . 8.64 -9.92 -6.00
O2 MAN F . 8.03 -11.47 -10.30
O3 MAN F . 6.48 -9.18 -10.46
O4 MAN F . 6.60 -8.54 -7.69
O5 MAN F . 9.68 -10.50 -8.10
O6 MAN F . 8.06 -11.22 -5.88
H1 MAN F . 10.67 -11.03 -9.75
H2 MAN F . 8.97 -9.94 -11.35
H3 MAN F . 8.11 -8.20 -9.81
H4 MAN F . 7.00 -10.53 -8.18
H5 MAN F . 9.23 -8.54 -7.52
H61 MAN F . 8.01 -9.16 -5.51
H62 MAN F . 9.64 -9.89 -5.54
HO2 MAN F . 8.62 -12.15 -10.62
HO3 MAN F . 6.74 -9.06 -11.39
HO4 MAN F . 5.74 -8.68 -8.12
HO6 MAN F . 7.79 -11.50 -6.77
CA CA G . 23.33 -0.56 -2.35
CA CA H . 2.15 17.89 15.28
CA CA I . 11.84 -20.15 -2.56
#